data_3TY6
#
_entry.id   3TY6
#
_cell.length_a   140.255
_cell.length_b   127.543
_cell.length_c   90.100
_cell.angle_alpha   90.00
_cell.angle_beta   130.03
_cell.angle_gamma   90.00
#
_symmetry.space_group_name_H-M   'C 1 2 1'
#
loop_
_entity.id
_entity.type
_entity.pdbx_description
1 polymer 'ATP-dependent protease subunit HslV'
2 non-polymer 'SULFATE ION'
3 water water
#
_entity_poly.entity_id   1
_entity_poly.type   'polypeptide(L)'
_entity_poly.pdbx_seq_one_letter_code
;SNAMGNFHATTIFAVHHNGECAMAGDGQVTMGNAVVMKHTARKVRKLFQGKVLAGFAGSVADAFTLFEMFEGKLEEYNGN
LQRAAVEMAKQWRGDKMLRQLEAMLIVMDKTTMLLVSGTGEVIEPDDGILAIGSGGNYALSAGRALKQYASEHLTAKQIA
KASLEIAGDICVYTNHNIIVEEL
;
_entity_poly.pdbx_strand_id   A,B,C,D,E,F
#
# COMPACT_ATOMS: atom_id res chain seq x y z
N ASN A 6 -18.31 24.14 17.95
CA ASN A 6 -17.37 23.76 18.98
C ASN A 6 -18.08 23.00 20.10
N PHE A 7 -19.37 22.76 19.88
CA PHE A 7 -20.29 22.31 20.92
C PHE A 7 -20.34 20.81 21.13
N HIS A 8 -20.47 20.39 22.39
CA HIS A 8 -20.66 18.99 22.71
C HIS A 8 -22.14 18.68 22.88
N ALA A 9 -22.57 17.59 22.24
CA ALA A 9 -23.98 17.20 22.20
C ALA A 9 -24.52 16.83 23.58
N THR A 10 -25.79 17.13 23.83
CA THR A 10 -26.41 16.62 25.03
C THR A 10 -26.69 15.14 24.80
N THR A 11 -27.22 14.47 25.80
CA THR A 11 -27.40 13.03 25.72
C THR A 11 -28.87 12.66 25.71
N ILE A 12 -29.27 11.82 24.76
CA ILE A 12 -30.67 11.43 24.64
C ILE A 12 -30.82 9.91 24.75
N PHE A 13 -31.89 9.46 25.39
CA PHE A 13 -32.12 8.03 25.61
C PHE A 13 -33.60 7.73 25.34
N ALA A 14 -33.90 6.54 24.83
CA ALA A 14 -35.29 6.15 24.60
C ALA A 14 -35.50 4.68 24.84
N VAL A 15 -36.58 4.33 25.53
CA VAL A 15 -36.85 2.94 25.87
C VAL A 15 -38.33 2.55 25.80
N HIS A 16 -38.60 1.42 25.15
CA HIS A 16 -39.90 0.75 25.22
C HIS A 16 -39.83 -0.23 26.38
N HIS A 17 -40.68 -0.08 27.40
CA HIS A 17 -40.68 -1.07 28.48
C HIS A 17 -42.05 -1.37 29.07
N ASN A 18 -42.37 -2.66 29.20
CA ASN A 18 -43.65 -3.12 29.74
C ASN A 18 -44.85 -2.43 29.15
N GLY A 19 -44.76 -2.11 27.86
CA GLY A 19 -45.81 -1.38 27.19
C GLY A 19 -45.77 0.12 27.46
N GLU A 20 -44.65 0.58 28.02
CA GLU A 20 -44.45 2.00 28.24
C GLU A 20 -43.31 2.53 27.40
N CYS A 21 -43.42 3.79 27.02
CA CYS A 21 -42.41 4.43 26.23
C CYS A 21 -41.86 5.61 27.00
N ALA A 22 -40.58 5.88 26.83
CA ALA A 22 -39.99 7.09 27.39
C ALA A 22 -38.83 7.57 26.53
N MET A 23 -38.66 8.89 26.47
CA MET A 23 -37.46 9.47 25.90
C MET A 23 -36.97 10.51 26.87
N ALA A 24 -35.66 10.63 27.01
CA ALA A 24 -35.11 11.53 28.01
C ALA A 24 -33.79 12.13 27.54
N GLY A 25 -33.47 13.31 28.06
CA GLY A 25 -32.24 14.01 27.69
C GLY A 25 -31.73 14.88 28.82
N ASP A 26 -30.43 15.17 28.83
CA ASP A 26 -29.86 16.00 29.88
C ASP A 26 -29.79 17.42 29.38
N GLY A 27 -29.39 18.34 30.24
CA GLY A 27 -29.37 19.73 29.86
C GLY A 27 -27.99 20.25 29.49
N GLN A 28 -26.94 19.52 29.84
CA GLN A 28 -25.58 20.02 29.71
C GLN A 28 -25.19 20.36 28.27
N VAL A 29 -24.73 21.59 28.09
CA VAL A 29 -24.21 22.02 26.81
C VAL A 29 -22.78 22.47 27.02
N THR A 30 -21.86 21.77 26.37
CA THR A 30 -20.44 22.02 26.52
C THR A 30 -19.89 22.61 25.23
N MET A 31 -19.51 23.88 25.25
CA MET A 31 -18.83 24.46 24.10
C MET A 31 -17.35 24.55 24.37
N GLY A 32 -16.54 24.22 23.37
CA GLY A 32 -15.12 24.13 23.59
C GLY A 32 -14.96 22.76 24.18
N ASN A 33 -13.85 22.11 23.92
CA ASN A 33 -13.69 20.77 24.44
C ASN A 33 -13.63 20.80 25.96
N ALA A 34 -13.33 21.99 26.50
CA ALA A 34 -13.28 22.19 27.93
C ALA A 34 -14.48 22.80 28.69
N VAL A 35 -15.49 23.34 28.03
CA VAL A 35 -16.36 24.23 28.82
C VAL A 35 -17.89 24.21 28.67
N VAL A 36 -18.59 24.25 29.81
CA VAL A 36 -20.03 24.15 29.85
C VAL A 36 -20.75 25.48 29.66
N MET A 37 -21.51 25.60 28.60
CA MET A 37 -22.33 26.78 28.36
C MET A 37 -23.69 26.78 29.05
N LYS A 38 -24.40 25.66 29.00
CA LYS A 38 -25.80 25.64 29.38
C LYS A 38 -26.17 24.36 30.09
N HIS A 39 -27.03 24.46 31.10
CA HIS A 39 -27.46 23.29 31.87
C HIS A 39 -28.85 22.74 31.50
N THR A 40 -29.50 23.35 30.50
CA THR A 40 -30.88 23.02 30.13
C THR A 40 -31.11 23.29 28.65
N ALA A 41 -32.18 22.73 28.08
CA ALA A 41 -32.62 23.03 26.73
C ALA A 41 -33.84 22.12 26.52
N ARG A 42 -34.56 22.27 25.43
CA ARG A 42 -35.51 21.23 25.01
C ARG A 42 -35.19 20.63 23.63
N LYS A 43 -34.48 19.49 23.62
CA LYS A 43 -34.16 18.77 22.37
C LYS A 43 -34.97 17.51 22.12
N VAL A 44 -35.83 17.18 23.08
CA VAL A 44 -36.79 16.10 22.93
C VAL A 44 -38.17 16.76 22.90
N ARG A 45 -38.84 16.71 21.77
CA ARG A 45 -40.19 17.25 21.71
C ARG A 45 -41.10 16.21 21.08
N LYS A 46 -42.33 16.13 21.58
CA LYS A 46 -43.31 15.21 21.03
C LYS A 46 -43.74 15.70 19.67
N LEU A 47 -44.30 14.81 18.87
CA LEU A 47 -44.76 15.18 17.55
C LEU A 47 -46.06 14.47 17.28
N PHE A 48 -46.64 14.76 16.11
CA PHE A 48 -47.75 14.00 15.57
C PHE A 48 -48.85 13.80 16.60
N GLN A 49 -49.33 14.91 17.15
CA GLN A 49 -50.42 14.91 18.12
C GLN A 49 -50.09 14.14 19.40
N GLY A 50 -48.82 14.14 19.78
CA GLY A 50 -48.38 13.44 20.98
C GLY A 50 -48.19 11.96 20.79
N LYS A 51 -48.36 11.49 19.56
CA LYS A 51 -48.20 10.08 19.28
C LYS A 51 -46.72 9.72 19.11
N VAL A 52 -45.91 10.71 18.74
CA VAL A 52 -44.51 10.45 18.44
C VAL A 52 -43.57 11.31 19.26
N LEU A 53 -42.53 10.68 19.80
CA LEU A 53 -41.45 11.42 20.41
C LEU A 53 -40.25 11.39 19.48
N ALA A 54 -39.58 12.53 19.39
CA ALA A 54 -38.41 12.64 18.56
C ALA A 54 -37.36 13.38 19.36
N GLY A 55 -36.10 13.05 19.13
CA GLY A 55 -35.06 13.82 19.78
C GLY A 55 -33.80 13.87 18.96
N PHE A 56 -33.09 14.97 19.12
CA PHE A 56 -31.95 15.26 18.28
C PHE A 56 -30.93 15.96 19.15
N ALA A 57 -29.72 15.42 19.20
CA ALA A 57 -28.71 15.93 20.14
C ALA A 57 -28.15 17.29 19.72
N GLY A 58 -28.19 17.57 18.42
CA GLY A 58 -27.48 18.71 17.87
C GLY A 58 -28.15 20.07 17.98
N SER A 59 -27.72 20.99 17.13
CA SER A 59 -28.06 22.40 17.28
C SER A 59 -29.55 22.68 17.17
N VAL A 60 -29.95 23.81 17.74
CA VAL A 60 -31.35 24.19 17.83
C VAL A 60 -31.98 24.38 16.44
N ALA A 61 -31.29 25.11 15.56
CA ALA A 61 -31.82 25.34 14.21
C ALA A 61 -31.94 24.03 13.44
N ASP A 62 -31.06 23.08 13.74
CA ASP A 62 -31.08 21.78 13.09
C ASP A 62 -32.21 20.87 13.57
N ALA A 63 -32.33 20.72 14.87
CA ALA A 63 -33.38 19.88 15.45
C ALA A 63 -34.71 20.33 14.91
N PHE A 64 -34.95 21.63 14.95
CA PHE A 64 -36.20 22.20 14.47
C PHE A 64 -36.43 21.85 13.01
N THR A 65 -35.37 21.87 12.21
CA THR A 65 -35.48 21.57 10.79
C THR A 65 -35.85 20.12 10.53
N LEU A 66 -35.19 19.21 11.23
CA LEU A 66 -35.43 17.78 11.05
C LEU A 66 -36.75 17.31 11.60
N PHE A 67 -37.07 17.77 12.81
CA PHE A 67 -38.34 17.47 13.44
C PHE A 67 -39.46 17.87 12.51
N GLU A 68 -39.34 19.09 12.00
CA GLU A 68 -40.27 19.61 11.03
C GLU A 68 -40.25 18.75 9.77
N MET A 69 -39.04 18.42 9.32
CA MET A 69 -38.87 17.58 8.16
C MET A 69 -39.55 16.22 8.34
N PHE A 70 -39.23 15.58 9.46
CA PHE A 70 -39.76 14.26 9.76
C PHE A 70 -41.26 14.27 10.00
N GLU A 71 -41.75 15.29 10.70
CA GLU A 71 -43.17 15.35 11.00
C GLU A 71 -43.99 15.49 9.72
N GLY A 72 -43.46 16.26 8.78
CA GLY A 72 -44.12 16.41 7.49
C GLY A 72 -44.18 15.07 6.77
N LYS A 73 -43.15 14.25 6.99
CA LYS A 73 -43.15 12.90 6.47
C LYS A 73 -44.22 12.05 7.15
N LEU A 74 -44.29 12.17 8.48
CA LEU A 74 -45.23 11.38 9.28
C LEU A 74 -46.66 11.55 8.78
N GLU A 75 -46.96 12.72 8.28
CA GLU A 75 -48.30 13.01 7.82
C GLU A 75 -48.58 12.41 6.45
N GLU A 76 -47.66 12.62 5.50
CA GLU A 76 -47.83 12.13 4.14
C GLU A 76 -48.16 10.65 4.11
N TYR A 77 -47.50 9.91 4.99
CA TYR A 77 -47.61 8.46 5.03
C TYR A 77 -48.59 7.91 6.07
N ASN A 78 -49.34 8.81 6.70
CA ASN A 78 -50.42 8.42 7.62
C ASN A 78 -49.93 7.67 8.85
N GLY A 79 -48.92 8.23 9.52
CA GLY A 79 -48.48 7.76 10.81
C GLY A 79 -47.64 6.50 10.78
N ASN A 80 -46.97 6.26 9.66
CA ASN A 80 -46.09 5.10 9.57
C ASN A 80 -44.71 5.57 9.96
N LEU A 81 -44.24 5.13 11.13
CA LEU A 81 -42.95 5.58 11.62
C LEU A 81 -41.88 5.07 10.69
N GLN A 82 -42.05 3.84 10.22
CA GLN A 82 -41.03 3.20 9.42
C GLN A 82 -40.85 3.83 8.05
N ARG A 83 -41.94 3.94 7.28
CA ARG A 83 -41.87 4.56 5.97
C ARG A 83 -41.35 5.98 6.13
N ALA A 84 -41.88 6.68 7.13
CA ALA A 84 -41.49 8.07 7.37
C ALA A 84 -39.98 8.18 7.53
N ALA A 85 -39.45 7.44 8.49
CA ALA A 85 -38.04 7.51 8.83
C ALA A 85 -37.18 7.27 7.61
N VAL A 86 -37.67 6.46 6.70
CA VAL A 86 -36.93 6.14 5.49
C VAL A 86 -36.91 7.33 4.54
N GLU A 87 -38.09 7.89 4.30
CA GLU A 87 -38.19 9.07 3.47
C GLU A 87 -37.49 10.24 4.15
N MET A 88 -37.49 10.20 5.48
CA MET A 88 -36.75 11.15 6.27
C MET A 88 -35.26 10.98 5.98
N ALA A 89 -34.81 9.73 6.05
CA ALA A 89 -33.41 9.39 5.84
C ALA A 89 -32.96 9.67 4.41
N LYS A 90 -33.85 9.46 3.45
CA LYS A 90 -33.55 9.78 2.05
C LYS A 90 -33.34 11.28 1.85
N GLN A 91 -34.31 12.08 2.27
CA GLN A 91 -34.26 13.51 2.03
C GLN A 91 -33.08 14.15 2.73
N TRP A 92 -32.85 13.73 3.97
CA TRP A 92 -31.72 14.16 4.76
C TRP A 92 -30.41 13.82 4.05
N ARG A 93 -30.30 12.60 3.57
CA ARG A 93 -29.15 12.14 2.79
C ARG A 93 -28.95 13.02 1.58
N GLY A 94 -30.06 13.49 1.02
CA GLY A 94 -30.04 14.30 -0.18
C GLY A 94 -29.54 15.71 0.00
N ASP A 95 -30.08 16.41 0.99
CA ASP A 95 -29.77 17.82 1.21
C ASP A 95 -28.28 18.03 1.42
N LYS A 96 -27.67 18.85 0.57
CA LYS A 96 -26.22 19.02 0.56
C LYS A 96 -25.73 19.61 1.87
N MET A 97 -26.52 20.50 2.44
CA MET A 97 -26.15 21.17 3.69
C MET A 97 -26.44 20.28 4.90
N LEU A 98 -27.53 19.53 4.84
CA LEU A 98 -27.90 18.63 5.92
C LEU A 98 -27.22 17.27 5.85
N ARG A 99 -26.77 16.89 4.66
CA ARG A 99 -26.16 15.57 4.44
C ARG A 99 -24.99 15.35 5.39
N GLN A 100 -24.37 16.46 5.76
CA GLN A 100 -23.09 16.44 6.45
C GLN A 100 -23.22 16.25 7.97
N LEU A 101 -24.45 16.24 8.47
CA LEU A 101 -24.67 16.30 9.92
C LEU A 101 -24.28 15.01 10.66
N GLU A 102 -23.42 15.16 11.65
CA GLU A 102 -22.95 14.00 12.41
C GLU A 102 -23.95 13.53 13.46
N ALA A 103 -24.75 14.45 13.99
CA ALA A 103 -25.71 14.06 15.03
C ALA A 103 -26.85 13.24 14.45
N MET A 104 -27.48 12.46 15.31
CA MET A 104 -28.50 11.53 14.85
C MET A 104 -29.82 11.82 15.50
N LEU A 105 -30.86 11.29 14.87
CA LEU A 105 -32.22 11.53 15.29
C LEU A 105 -32.86 10.22 15.74
N ILE A 106 -33.48 10.24 16.92
CA ILE A 106 -34.28 9.12 17.38
C ILE A 106 -35.74 9.52 17.31
N VAL A 107 -36.54 8.75 16.60
CA VAL A 107 -37.98 8.96 16.61
C VAL A 107 -38.62 7.73 17.21
N MET A 108 -39.80 7.89 17.77
CA MET A 108 -40.39 6.82 18.52
C MET A 108 -41.90 6.94 18.51
N ASP A 109 -42.59 5.82 18.52
CA ASP A 109 -44.03 5.80 18.75
C ASP A 109 -44.31 4.68 19.74
N LYS A 110 -45.58 4.37 19.97
CA LYS A 110 -45.93 3.32 20.92
C LYS A 110 -45.40 1.94 20.51
N THR A 111 -45.54 1.59 19.24
CA THR A 111 -45.18 0.26 18.78
C THR A 111 -43.68 0.06 18.49
N THR A 112 -43.02 1.11 18.00
CA THR A 112 -41.64 1.00 17.53
C THR A 112 -40.79 2.24 17.81
N MET A 113 -39.47 2.10 17.66
CA MET A 113 -38.56 3.24 17.75
C MET A 113 -37.39 3.08 16.78
N LEU A 114 -36.95 4.20 16.20
CA LEU A 114 -35.93 4.17 15.17
C LEU A 114 -34.87 5.23 15.36
N LEU A 115 -33.77 5.07 14.64
CA LEU A 115 -32.67 6.01 14.67
C LEU A 115 -32.28 6.40 13.25
N VAL A 116 -32.20 7.69 12.97
CA VAL A 116 -31.89 8.19 11.63
C VAL A 116 -30.61 9.01 11.60
N SER A 117 -29.87 8.93 10.49
CA SER A 117 -28.65 9.70 10.31
C SER A 117 -28.61 10.37 8.96
N GLY A 118 -27.68 11.29 8.78
CA GLY A 118 -27.56 12.07 7.57
C GLY A 118 -27.01 11.22 6.44
N THR A 119 -26.46 10.07 6.81
CA THR A 119 -25.91 9.15 5.84
C THR A 119 -27.03 8.34 5.21
N GLY A 120 -28.25 8.58 5.66
CA GLY A 120 -29.39 7.86 5.14
C GLY A 120 -29.52 6.50 5.79
N GLU A 121 -29.15 6.41 7.05
CA GLU A 121 -29.30 5.18 7.81
C GLU A 121 -30.61 5.16 8.56
N VAL A 122 -31.22 3.99 8.66
CA VAL A 122 -32.38 3.80 9.51
C VAL A 122 -32.20 2.54 10.35
N ILE A 123 -32.11 2.70 11.67
CA ILE A 123 -31.83 1.59 12.58
C ILE A 123 -32.97 1.31 13.55
N GLU A 124 -33.39 0.05 13.61
CA GLU A 124 -34.38 -0.37 14.59
C GLU A 124 -33.74 -1.32 15.59
N PRO A 125 -33.59 -0.86 16.84
CA PRO A 125 -33.01 -1.67 17.91
C PRO A 125 -33.85 -2.91 18.12
N ASP A 126 -33.22 -4.01 18.53
CA ASP A 126 -33.98 -5.22 18.79
C ASP A 126 -34.60 -5.16 20.17
N ASP A 127 -33.90 -4.50 21.09
CA ASP A 127 -34.34 -4.46 22.47
C ASP A 127 -35.11 -3.19 22.87
N GLY A 128 -35.34 -2.30 21.89
CA GLY A 128 -36.09 -1.09 22.16
C GLY A 128 -35.42 -0.17 23.17
N ILE A 129 -34.12 0.02 23.00
CA ILE A 129 -33.41 1.05 23.73
C ILE A 129 -32.51 1.80 22.77
N LEU A 130 -32.66 3.11 22.72
CA LEU A 130 -31.83 3.96 21.86
C LEU A 130 -31.21 5.10 22.65
N ALA A 131 -29.93 5.39 22.36
CA ALA A 131 -29.24 6.52 22.96
C ALA A 131 -28.34 7.22 21.95
N ILE A 132 -28.30 8.55 21.99
CA ILE A 132 -27.44 9.33 21.09
C ILE A 132 -26.75 10.48 21.84
N GLY A 133 -25.81 11.13 21.16
CA GLY A 133 -25.15 12.27 21.75
C GLY A 133 -23.90 11.84 22.48
N SER A 134 -23.47 12.67 23.43
CA SER A 134 -22.21 12.47 24.10
C SER A 134 -22.15 11.17 24.87
N GLY A 135 -23.07 11.01 25.82
CA GLY A 135 -23.02 9.88 26.72
C GLY A 135 -23.85 8.70 26.27
N GLY A 136 -24.13 8.62 24.98
CA GLY A 136 -24.94 7.54 24.44
C GLY A 136 -24.43 6.20 24.90
N ASN A 137 -23.14 5.96 24.68
CA ASN A 137 -22.48 4.74 25.10
C ASN A 137 -22.77 4.38 26.55
N TYR A 138 -22.66 5.36 27.45
CA TYR A 138 -22.84 5.12 28.88
C TYR A 138 -24.30 4.93 29.25
N ALA A 139 -25.17 5.68 28.59
CA ALA A 139 -26.59 5.62 28.90
C ALA A 139 -27.24 4.41 28.24
N LEU A 140 -26.64 3.97 27.15
CA LEU A 140 -27.11 2.78 26.47
C LEU A 140 -26.82 1.57 27.34
N SER A 141 -25.58 1.47 27.80
CA SER A 141 -25.13 0.34 28.63
C SER A 141 -25.92 0.27 29.92
N ALA A 142 -26.13 1.43 30.53
CA ALA A 142 -26.86 1.52 31.78
C ALA A 142 -28.29 0.99 31.66
N GLY A 143 -29.04 1.54 30.71
CA GLY A 143 -30.44 1.21 30.51
C GLY A 143 -30.71 -0.24 30.12
N ARG A 144 -29.90 -0.77 29.21
CA ARG A 144 -29.97 -2.18 28.88
C ARG A 144 -29.68 -3.03 30.10
N ALA A 145 -28.62 -2.70 30.82
CA ALA A 145 -28.25 -3.42 32.03
C ALA A 145 -29.45 -3.49 32.94
N LEU A 146 -30.14 -2.36 33.09
CA LEU A 146 -31.33 -2.30 33.92
C LEU A 146 -32.48 -3.05 33.28
N LYS A 147 -32.76 -2.74 32.02
CA LYS A 147 -33.91 -3.36 31.37
C LYS A 147 -33.85 -4.88 31.47
N GLN A 148 -32.72 -5.48 31.15
CA GLN A 148 -32.57 -6.92 31.24
C GLN A 148 -32.61 -7.45 32.67
N TYR A 149 -31.72 -6.93 33.51
CA TYR A 149 -31.53 -7.44 34.86
C TYR A 149 -32.48 -6.90 35.93
N ALA A 150 -32.79 -5.63 35.86
CA ALA A 150 -33.62 -4.97 36.87
C ALA A 150 -35.09 -4.97 36.48
N SER A 151 -35.41 -5.71 35.43
CA SER A 151 -36.67 -5.57 34.70
C SER A 151 -37.90 -5.40 35.58
N GLU A 152 -38.03 -6.25 36.58
CA GLU A 152 -39.23 -6.29 37.41
C GLU A 152 -39.44 -5.02 38.21
N HIS A 153 -38.35 -4.37 38.60
CA HIS A 153 -38.42 -3.32 39.62
C HIS A 153 -38.56 -1.89 39.09
N LEU A 154 -38.49 -1.71 37.78
CA LEU A 154 -38.52 -0.37 37.19
C LEU A 154 -39.49 -0.20 36.04
N THR A 155 -39.86 1.04 35.78
CA THR A 155 -40.68 1.35 34.63
C THR A 155 -39.80 1.96 33.57
N ALA A 156 -40.38 2.24 32.41
CA ALA A 156 -39.64 2.88 31.33
C ALA A 156 -39.16 4.26 31.78
N LYS A 157 -40.05 5.02 32.40
CA LYS A 157 -39.70 6.32 32.99
C LYS A 157 -38.50 6.13 33.88
N GLN A 158 -38.62 5.21 34.83
CA GLN A 158 -37.58 4.98 35.80
C GLN A 158 -36.27 4.58 35.15
N ILE A 159 -36.35 3.76 34.10
CA ILE A 159 -35.13 3.34 33.41
C ILE A 159 -34.42 4.49 32.72
N ALA A 160 -35.17 5.27 31.95
CA ALA A 160 -34.60 6.41 31.23
C ALA A 160 -34.01 7.46 32.17
N LYS A 161 -34.66 7.69 33.30
CA LYS A 161 -34.15 8.66 34.26
C LYS A 161 -32.83 8.16 34.85
N ALA A 162 -32.75 6.85 35.05
CA ALA A 162 -31.58 6.27 35.68
C ALA A 162 -30.39 6.17 34.73
N SER A 163 -30.67 5.90 33.45
CA SER A 163 -29.62 5.75 32.45
C SER A 163 -28.87 7.06 32.30
N LEU A 164 -29.61 8.15 32.16
CA LEU A 164 -29.00 9.46 32.01
C LEU A 164 -28.37 9.90 33.32
N GLU A 165 -28.97 9.49 34.43
CA GLU A 165 -28.41 9.78 35.73
C GLU A 165 -27.03 9.15 35.81
N ILE A 166 -26.89 7.98 35.18
CA ILE A 166 -25.62 7.24 35.18
C ILE A 166 -24.59 7.84 34.23
N ALA A 167 -25.00 8.11 33.00
CA ALA A 167 -24.12 8.74 32.05
C ALA A 167 -23.67 10.09 32.61
N GLY A 168 -24.60 10.78 33.25
CA GLY A 168 -24.31 12.05 33.89
C GLY A 168 -23.34 11.90 35.04
N ASP A 169 -23.28 10.70 35.61
CA ASP A 169 -22.36 10.38 36.71
C ASP A 169 -20.97 10.07 36.21
N ILE A 170 -20.89 9.54 34.99
CA ILE A 170 -19.63 9.10 34.44
C ILE A 170 -19.10 10.08 33.42
N CYS A 171 -19.88 10.31 32.37
CA CYS A 171 -19.47 11.22 31.31
C CYS A 171 -19.41 12.68 31.73
N VAL A 172 -18.25 13.25 31.43
CA VAL A 172 -17.86 14.59 31.82
C VAL A 172 -18.70 15.62 31.07
N TYR A 173 -19.28 15.18 29.95
CA TYR A 173 -20.07 16.04 29.08
C TYR A 173 -21.57 15.92 29.32
N THR A 174 -21.96 15.10 30.30
CA THR A 174 -23.37 14.86 30.61
C THR A 174 -23.63 15.21 32.06
N ASN A 175 -24.77 15.85 32.33
CA ASN A 175 -25.09 16.26 33.69
C ASN A 175 -26.45 15.77 34.16
N HIS A 176 -26.87 16.25 35.31
CA HIS A 176 -28.06 15.75 35.97
C HIS A 176 -29.36 16.52 35.77
N ASN A 177 -29.35 17.53 34.90
CA ASN A 177 -30.60 18.24 34.64
C ASN A 177 -31.30 17.57 33.47
N ILE A 178 -32.37 16.86 33.81
CA ILE A 178 -32.89 15.80 32.97
C ILE A 178 -34.40 15.89 32.82
N ILE A 179 -34.85 15.89 31.58
CA ILE A 179 -36.26 15.89 31.24
C ILE A 179 -36.65 14.51 30.72
N VAL A 180 -37.77 13.97 31.17
CA VAL A 180 -38.25 12.68 30.67
C VAL A 180 -39.62 12.82 30.04
N GLU A 181 -39.77 12.32 28.82
CA GLU A 181 -41.03 12.40 28.14
C GLU A 181 -41.61 11.01 27.94
N GLU A 182 -42.89 10.86 28.23
CA GLU A 182 -43.57 9.59 28.05
C GLU A 182 -44.66 9.78 27.00
N LEU A 183 -44.92 8.74 26.23
CA LEU A 183 -45.99 8.77 25.24
C LEU A 183 -47.32 8.35 25.84
N ASN B 6 -19.51 6.56 11.02
CA ASN B 6 -18.96 5.50 11.87
C ASN B 6 -19.74 4.17 11.82
N PHE B 7 -20.56 3.99 10.79
CA PHE B 7 -21.32 2.75 10.61
C PHE B 7 -20.57 1.64 9.89
N HIS B 8 -20.86 0.41 10.28
CA HIS B 8 -20.24 -0.77 9.67
C HIS B 8 -21.21 -1.63 8.87
N ALA B 9 -20.94 -1.70 7.58
CA ALA B 9 -21.79 -2.36 6.61
C ALA B 9 -22.11 -3.80 6.99
N THR B 10 -23.30 -4.26 6.65
CA THR B 10 -23.63 -5.66 6.83
C THR B 10 -22.80 -6.47 5.83
N THR B 11 -22.92 -7.80 5.86
CA THR B 11 -22.12 -8.63 4.98
C THR B 11 -22.98 -9.46 4.05
N ILE B 12 -22.91 -9.19 2.75
CA ILE B 12 -23.69 -9.94 1.75
C ILE B 12 -22.81 -10.91 0.95
N PHE B 13 -23.38 -12.07 0.63
CA PHE B 13 -22.68 -13.13 -0.10
C PHE B 13 -23.59 -13.66 -1.20
N ALA B 14 -23.04 -13.81 -2.41
CA ALA B 14 -23.82 -14.24 -3.56
C ALA B 14 -23.10 -15.34 -4.34
N VAL B 15 -23.80 -16.44 -4.58
CA VAL B 15 -23.19 -17.63 -5.18
C VAL B 15 -24.04 -18.30 -6.27
N HIS B 16 -23.36 -18.69 -7.35
CA HIS B 16 -23.94 -19.49 -8.42
C HIS B 16 -23.28 -20.85 -8.35
N HIS B 17 -24.03 -21.88 -8.00
CA HIS B 17 -23.40 -23.18 -7.84
C HIS B 17 -24.31 -24.32 -8.26
N ASN B 18 -23.73 -25.29 -8.97
CA ASN B 18 -24.45 -26.49 -9.41
C ASN B 18 -25.78 -26.14 -10.05
N GLY B 19 -25.78 -25.13 -10.90
CA GLY B 19 -26.99 -24.72 -11.59
C GLY B 19 -28.01 -24.07 -10.67
N GLU B 20 -27.58 -23.68 -9.48
CA GLU B 20 -28.44 -22.96 -8.56
C GLU B 20 -27.84 -21.63 -8.18
N CYS B 21 -28.67 -20.75 -7.63
CA CYS B 21 -28.25 -19.41 -7.27
C CYS B 21 -28.74 -19.07 -5.87
N ALA B 22 -27.93 -18.34 -5.10
CA ALA B 22 -28.37 -17.86 -3.80
C ALA B 22 -27.65 -16.58 -3.41
N MET B 23 -28.35 -15.69 -2.72
CA MET B 23 -27.75 -14.50 -2.14
C MET B 23 -28.18 -14.42 -0.68
N ALA B 24 -27.21 -14.17 0.20
CA ALA B 24 -27.50 -14.17 1.62
C ALA B 24 -26.79 -13.04 2.35
N GLY B 25 -27.23 -12.73 3.57
CA GLY B 25 -26.59 -11.69 4.35
C GLY B 25 -26.87 -11.81 5.84
N ASP B 26 -25.97 -11.26 6.66
CA ASP B 26 -26.23 -11.21 8.09
C ASP B 26 -26.98 -9.92 8.41
N GLY B 27 -27.37 -9.74 9.66
CA GLY B 27 -28.14 -8.56 10.04
C GLY B 27 -27.44 -7.52 10.90
N GLN B 28 -26.21 -7.81 11.31
CA GLN B 28 -25.51 -6.98 12.30
C GLN B 28 -25.15 -5.59 11.77
N VAL B 29 -25.48 -4.59 12.56
CA VAL B 29 -25.09 -3.22 12.24
C VAL B 29 -24.29 -2.63 13.40
N THR B 30 -23.13 -2.04 13.08
CA THR B 30 -22.22 -1.54 14.08
C THR B 30 -22.04 -0.02 13.95
N MET B 31 -22.49 0.72 14.96
CA MET B 31 -22.28 2.17 15.02
C MET B 31 -21.09 2.43 15.95
N GLY B 32 -20.33 3.48 15.65
CA GLY B 32 -19.07 3.69 16.34
C GLY B 32 -18.19 2.55 15.88
N ASN B 33 -16.97 2.48 16.35
CA ASN B 33 -16.22 1.28 16.04
C ASN B 33 -16.65 0.15 16.97
N ALA B 34 -17.13 0.52 18.16
CA ALA B 34 -17.53 -0.43 19.18
C ALA B 34 -18.96 -1.03 19.15
N VAL B 35 -19.97 -0.19 18.93
CA VAL B 35 -21.35 -0.55 19.30
C VAL B 35 -22.15 -1.36 18.29
N VAL B 36 -22.93 -2.33 18.77
CA VAL B 36 -23.89 -3.03 17.92
C VAL B 36 -25.33 -2.81 18.39
N MET B 37 -26.19 -2.30 17.51
CA MET B 37 -27.60 -2.05 17.84
C MET B 37 -28.53 -3.14 17.36
N LYS B 38 -28.74 -3.22 16.04
CA LYS B 38 -29.61 -4.26 15.50
C LYS B 38 -28.87 -5.51 15.01
N HIS B 39 -29.37 -6.66 15.44
CA HIS B 39 -28.84 -7.96 15.07
C HIS B 39 -29.34 -8.43 13.71
N THR B 40 -30.51 -7.96 13.32
CA THR B 40 -31.13 -8.40 12.08
C THR B 40 -31.53 -7.21 11.20
N ALA B 41 -31.00 -7.16 9.98
CA ALA B 41 -31.22 -6.04 9.07
C ALA B 41 -31.62 -6.61 7.70
N ARG B 42 -32.52 -5.97 6.96
CA ARG B 42 -32.83 -6.46 5.61
C ARG B 42 -32.43 -5.54 4.46
N LYS B 43 -31.27 -5.82 3.88
CA LYS B 43 -30.81 -5.14 2.67
C LYS B 43 -30.82 -5.92 1.34
N VAL B 44 -31.14 -7.21 1.35
CA VAL B 44 -31.12 -7.99 0.08
C VAL B 44 -32.51 -8.08 -0.51
N ARG B 45 -32.67 -7.56 -1.72
CA ARG B 45 -34.01 -7.45 -2.28
C ARG B 45 -34.11 -8.07 -3.67
N LYS B 46 -35.20 -8.79 -3.89
CA LYS B 46 -35.51 -9.28 -5.22
C LYS B 46 -36.08 -8.15 -6.05
N LEU B 47 -35.73 -8.12 -7.33
CA LEU B 47 -36.19 -7.06 -8.22
C LEU B 47 -36.83 -7.65 -9.46
N PHE B 48 -37.22 -6.79 -10.38
CA PHE B 48 -37.67 -7.19 -11.71
C PHE B 48 -38.69 -8.32 -11.66
N GLN B 49 -39.69 -8.14 -10.80
CA GLN B 49 -40.71 -9.15 -10.56
C GLN B 49 -40.10 -10.49 -10.17
N GLY B 50 -39.14 -10.44 -9.25
CA GLY B 50 -38.55 -11.62 -8.67
C GLY B 50 -37.58 -12.39 -9.57
N LYS B 51 -37.11 -11.75 -10.64
CA LYS B 51 -36.14 -12.40 -11.53
C LYS B 51 -34.67 -12.10 -11.20
N VAL B 52 -34.44 -11.15 -10.28
CA VAL B 52 -33.10 -10.68 -9.95
C VAL B 52 -32.90 -10.46 -8.46
N LEU B 53 -31.82 -10.97 -7.91
CA LEU B 53 -31.46 -10.70 -6.52
C LEU B 53 -30.41 -9.60 -6.45
N ALA B 54 -30.72 -8.53 -5.72
CA ALA B 54 -29.75 -7.47 -5.51
C ALA B 54 -29.44 -7.35 -4.02
N GLY B 55 -28.24 -6.89 -3.72
CA GLY B 55 -27.89 -6.60 -2.35
C GLY B 55 -26.88 -5.49 -2.27
N PHE B 56 -26.95 -4.75 -1.16
CA PHE B 56 -26.12 -3.58 -0.93
C PHE B 56 -25.85 -3.51 0.58
N ALA B 57 -24.60 -3.30 0.95
CA ALA B 57 -24.22 -3.40 2.36
C ALA B 57 -24.44 -2.12 3.17
N GLY B 58 -24.62 -0.99 2.47
CA GLY B 58 -24.65 0.31 3.13
C GLY B 58 -26.00 0.83 3.58
N SER B 59 -26.13 2.16 3.57
CA SER B 59 -27.30 2.83 4.13
C SER B 59 -28.55 2.45 3.37
N VAL B 60 -29.61 2.23 4.14
CA VAL B 60 -30.89 1.85 3.59
C VAL B 60 -31.37 2.87 2.54
N ALA B 61 -31.12 4.14 2.79
CA ALA B 61 -31.52 5.18 1.85
C ALA B 61 -30.84 5.01 0.50
N ASP B 62 -29.52 4.81 0.56
CA ASP B 62 -28.74 4.62 -0.65
C ASP B 62 -29.12 3.30 -1.29
N ALA B 63 -29.36 2.31 -0.44
CA ALA B 63 -29.77 0.99 -0.88
C ALA B 63 -30.96 1.06 -1.82
N PHE B 64 -32.03 1.69 -1.35
CA PHE B 64 -33.23 1.83 -2.15
C PHE B 64 -32.94 2.62 -3.41
N THR B 65 -32.11 3.65 -3.26
CA THR B 65 -31.80 4.52 -4.38
C THR B 65 -31.12 3.76 -5.50
N LEU B 66 -30.07 3.03 -5.16
CA LEU B 66 -29.34 2.27 -6.15
C LEU B 66 -30.18 1.13 -6.71
N PHE B 67 -30.94 0.46 -5.85
CA PHE B 67 -31.81 -0.63 -6.28
C PHE B 67 -32.74 -0.16 -7.37
N GLU B 68 -33.52 0.85 -7.02
CA GLU B 68 -34.53 1.40 -7.90
C GLU B 68 -33.88 1.88 -9.18
N MET B 69 -32.70 2.45 -9.05
CA MET B 69 -31.94 2.91 -10.19
C MET B 69 -31.69 1.78 -11.15
N PHE B 70 -31.21 0.66 -10.60
CA PHE B 70 -30.85 -0.48 -11.41
C PHE B 70 -32.06 -1.19 -12.00
N GLU B 71 -33.12 -1.32 -11.19
CA GLU B 71 -34.33 -1.93 -11.71
C GLU B 71 -34.89 -1.02 -12.79
N GLY B 72 -34.53 0.25 -12.72
CA GLY B 72 -34.76 1.17 -13.81
C GLY B 72 -33.93 0.76 -15.01
N LYS B 73 -32.63 0.66 -14.81
CA LYS B 73 -31.70 0.24 -15.86
C LYS B 73 -32.11 -1.10 -16.46
N LEU B 74 -32.61 -1.97 -15.60
CA LEU B 74 -33.14 -3.26 -15.99
C LEU B 74 -34.28 -3.12 -16.99
N GLU B 75 -35.29 -2.36 -16.59
CA GLU B 75 -36.51 -2.19 -17.38
C GLU B 75 -36.25 -1.72 -18.81
N GLU B 76 -35.33 -0.78 -18.96
CA GLU B 76 -35.02 -0.19 -20.26
C GLU B 76 -34.48 -1.24 -21.25
N TYR B 77 -33.70 -2.18 -20.72
CA TYR B 77 -32.78 -2.98 -21.52
C TYR B 77 -33.14 -4.39 -22.03
N ASN B 78 -34.40 -4.80 -21.93
CA ASN B 78 -34.84 -6.17 -22.23
C ASN B 78 -34.29 -7.10 -21.18
N GLY B 79 -34.00 -6.54 -20.00
CA GLY B 79 -33.40 -7.30 -18.93
C GLY B 79 -32.12 -7.99 -19.41
N ASN B 80 -31.26 -7.20 -20.03
CA ASN B 80 -29.93 -7.68 -20.34
C ASN B 80 -29.10 -7.26 -19.14
N LEU B 81 -28.73 -8.22 -18.30
CA LEU B 81 -28.20 -7.92 -16.97
C LEU B 81 -26.91 -7.15 -17.15
N GLN B 82 -26.18 -7.57 -18.17
CA GLN B 82 -24.88 -6.99 -18.49
C GLN B 82 -25.02 -5.52 -18.83
N ARG B 83 -25.80 -5.21 -19.87
CA ARG B 83 -25.90 -3.84 -20.34
C ARG B 83 -26.43 -2.94 -19.22
N ALA B 84 -27.47 -3.42 -18.53
CA ALA B 84 -28.10 -2.66 -17.46
C ALA B 84 -27.14 -2.31 -16.32
N ALA B 85 -26.27 -3.24 -15.97
CA ALA B 85 -25.27 -2.98 -14.95
C ALA B 85 -24.46 -1.77 -15.36
N VAL B 86 -23.85 -1.87 -16.54
CA VAL B 86 -22.96 -0.83 -17.02
C VAL B 86 -23.68 0.49 -17.26
N GLU B 87 -24.95 0.42 -17.62
CA GLU B 87 -25.74 1.63 -17.76
C GLU B 87 -25.89 2.31 -16.41
N MET B 88 -26.14 1.52 -15.39
CA MET B 88 -26.17 2.03 -14.03
C MET B 88 -24.78 2.52 -13.62
N ALA B 89 -23.75 1.78 -14.02
CA ALA B 89 -22.38 2.11 -13.65
C ALA B 89 -21.95 3.44 -14.26
N LYS B 90 -22.34 3.67 -15.50
CA LYS B 90 -22.10 4.97 -16.13
C LYS B 90 -22.91 6.03 -15.38
N GLN B 91 -24.11 5.65 -14.97
CA GLN B 91 -24.99 6.58 -14.25
C GLN B 91 -24.48 6.91 -12.86
N TRP B 92 -24.16 5.86 -12.11
CA TRP B 92 -23.70 5.96 -10.72
C TRP B 92 -22.50 6.89 -10.58
N ARG B 93 -21.55 6.76 -11.51
CA ARG B 93 -20.40 7.66 -11.56
C ARG B 93 -20.85 9.10 -11.77
N GLY B 94 -21.90 9.28 -12.58
CA GLY B 94 -22.42 10.59 -12.93
C GLY B 94 -22.84 11.43 -11.74
N ASP B 95 -23.70 10.87 -10.90
CA ASP B 95 -24.17 11.55 -9.69
C ASP B 95 -22.99 11.97 -8.83
N LYS B 96 -22.93 13.24 -8.46
CA LYS B 96 -21.84 13.73 -7.60
C LYS B 96 -21.98 13.24 -6.16
N MET B 97 -23.21 13.13 -5.67
CA MET B 97 -23.47 12.62 -4.31
C MET B 97 -23.22 11.11 -4.23
N LEU B 98 -23.81 10.37 -5.16
CA LEU B 98 -23.73 8.91 -5.12
C LEU B 98 -22.37 8.37 -5.56
N ARG B 99 -21.70 9.07 -6.47
CA ARG B 99 -20.42 8.62 -7.00
C ARG B 99 -19.48 8.26 -5.88
N GLN B 100 -19.60 8.99 -4.78
CA GLN B 100 -18.58 8.95 -3.75
C GLN B 100 -18.72 7.79 -2.76
N LEU B 101 -19.73 6.95 -2.95
CA LEU B 101 -19.93 5.80 -2.06
C LEU B 101 -18.80 4.78 -2.13
N GLU B 102 -18.33 4.33 -0.97
CA GLU B 102 -17.34 3.27 -0.89
C GLU B 102 -17.98 1.89 -1.05
N ALA B 103 -19.27 1.80 -0.73
CA ALA B 103 -19.99 0.54 -0.78
C ALA B 103 -20.31 0.10 -2.21
N MET B 104 -20.56 -1.19 -2.37
CA MET B 104 -20.84 -1.73 -3.69
C MET B 104 -22.13 -2.54 -3.77
N LEU B 105 -22.58 -2.76 -5.00
CA LEU B 105 -23.82 -3.44 -5.26
C LEU B 105 -23.56 -4.74 -5.99
N ILE B 106 -24.26 -5.79 -5.57
CA ILE B 106 -24.24 -7.08 -6.27
C ILE B 106 -25.58 -7.29 -6.95
N VAL B 107 -25.53 -7.61 -8.24
CA VAL B 107 -26.74 -7.97 -8.96
C VAL B 107 -26.52 -9.27 -9.72
N MET B 108 -27.49 -10.17 -9.63
CA MET B 108 -27.38 -11.46 -10.28
C MET B 108 -28.72 -11.92 -10.82
N ASP B 109 -28.69 -12.95 -11.65
CA ASP B 109 -29.90 -13.66 -12.04
C ASP B 109 -29.54 -15.13 -12.17
N LYS B 110 -30.46 -15.93 -12.70
CA LYS B 110 -30.23 -17.36 -12.88
C LYS B 110 -28.92 -17.67 -13.62
N THR B 111 -28.57 -16.82 -14.57
CA THR B 111 -27.38 -17.02 -15.38
C THR B 111 -26.04 -16.61 -14.77
N THR B 112 -25.97 -15.38 -14.24
CA THR B 112 -24.69 -14.81 -13.83
C THR B 112 -24.82 -13.69 -12.79
N MET B 113 -23.71 -13.29 -12.18
CA MET B 113 -23.73 -12.18 -11.23
C MET B 113 -22.68 -11.10 -11.51
N LEU B 114 -23.02 -9.87 -11.11
CA LEU B 114 -22.17 -8.73 -11.41
C LEU B 114 -21.93 -7.87 -10.20
N LEU B 115 -20.73 -7.32 -10.13
CA LEU B 115 -20.34 -6.47 -9.02
C LEU B 115 -20.22 -5.04 -9.53
N VAL B 116 -21.12 -4.17 -9.09
CA VAL B 116 -21.16 -2.81 -9.59
C VAL B 116 -20.73 -1.79 -8.56
N SER B 117 -19.85 -0.87 -8.96
CA SER B 117 -19.36 0.15 -8.05
C SER B 117 -19.64 1.56 -8.59
N GLY B 118 -19.58 2.54 -7.70
CA GLY B 118 -19.78 3.92 -8.07
C GLY B 118 -18.64 4.46 -8.90
N THR B 119 -17.50 3.77 -8.81
CA THR B 119 -16.34 4.13 -9.60
C THR B 119 -16.64 3.90 -11.08
N GLY B 120 -17.69 3.14 -11.35
CA GLY B 120 -18.05 2.79 -12.71
C GLY B 120 -17.73 1.33 -12.98
N GLU B 121 -16.95 0.72 -12.09
CA GLU B 121 -16.58 -0.67 -12.27
C GLU B 121 -17.79 -1.60 -12.28
N VAL B 122 -17.80 -2.51 -13.25
CA VAL B 122 -18.73 -3.63 -13.26
C VAL B 122 -17.90 -4.90 -13.36
N ILE B 123 -18.09 -5.82 -12.42
CA ILE B 123 -17.26 -7.03 -12.40
C ILE B 123 -18.07 -8.31 -12.35
N GLU B 124 -17.80 -9.18 -13.31
CA GLU B 124 -18.33 -10.54 -13.27
C GLU B 124 -17.23 -11.40 -12.69
N PRO B 125 -17.60 -12.21 -11.69
CA PRO B 125 -16.64 -13.11 -11.05
C PRO B 125 -16.29 -14.27 -11.97
N ASP B 126 -15.13 -14.87 -11.73
CA ASP B 126 -14.70 -16.04 -12.48
C ASP B 126 -15.29 -17.35 -11.96
N ASP B 127 -15.41 -17.45 -10.63
CA ASP B 127 -15.89 -18.66 -9.97
C ASP B 127 -17.37 -18.64 -9.58
N GLY B 128 -18.09 -17.61 -9.97
CA GLY B 128 -19.51 -17.51 -9.66
C GLY B 128 -19.78 -17.15 -8.21
N ILE B 129 -18.88 -16.37 -7.63
CA ILE B 129 -19.04 -15.91 -6.25
C ILE B 129 -18.68 -14.44 -6.13
N LEU B 130 -19.57 -13.68 -5.50
CA LEU B 130 -19.30 -12.27 -5.19
C LEU B 130 -19.54 -12.01 -3.69
N ALA B 131 -18.71 -11.17 -3.08
CA ALA B 131 -18.89 -10.79 -1.68
C ALA B 131 -18.58 -9.33 -1.41
N ILE B 132 -19.43 -8.68 -0.61
CA ILE B 132 -19.26 -7.27 -0.24
C ILE B 132 -19.54 -7.04 1.25
N GLY B 133 -19.17 -5.86 1.73
CA GLY B 133 -19.45 -5.51 3.10
C GLY B 133 -18.38 -5.92 4.08
N SER B 134 -18.58 -5.53 5.32
CA SER B 134 -17.58 -5.63 6.39
C SER B 134 -16.94 -7.00 6.49
N GLY B 135 -17.72 -8.04 6.22
CA GLY B 135 -17.21 -9.40 6.30
C GLY B 135 -16.99 -10.02 4.94
N GLY B 136 -17.00 -9.19 3.90
CA GLY B 136 -16.96 -9.69 2.54
C GLY B 136 -15.86 -10.67 2.26
N ASN B 137 -14.64 -10.29 2.60
CA ASN B 137 -13.47 -11.10 2.28
C ASN B 137 -13.47 -12.45 2.99
N TYR B 138 -13.91 -12.46 4.25
CA TYR B 138 -14.00 -13.70 5.01
C TYR B 138 -14.97 -14.68 4.37
N ALA B 139 -16.18 -14.20 4.11
CA ALA B 139 -17.19 -15.04 3.48
C ALA B 139 -16.71 -15.45 2.10
N LEU B 140 -16.10 -14.51 1.40
CA LEU B 140 -15.59 -14.77 0.07
C LEU B 140 -14.61 -15.93 0.09
N SER B 141 -13.71 -15.92 1.08
CA SER B 141 -12.72 -16.97 1.21
C SER B 141 -13.39 -18.28 1.57
N ALA B 142 -14.30 -18.24 2.54
CA ALA B 142 -15.02 -19.42 2.97
C ALA B 142 -15.78 -20.07 1.81
N GLY B 143 -16.52 -19.25 1.09
CA GLY B 143 -17.35 -19.72 0.00
C GLY B 143 -16.53 -20.33 -1.12
N ARG B 144 -15.45 -19.66 -1.51
CA ARG B 144 -14.62 -20.18 -2.58
C ARG B 144 -14.08 -21.53 -2.17
N ALA B 145 -13.66 -21.63 -0.92
CA ALA B 145 -13.13 -22.89 -0.39
C ALA B 145 -14.13 -24.02 -0.55
N LEU B 146 -15.33 -23.81 -0.03
CA LEU B 146 -16.37 -24.79 -0.14
C LEU B 146 -16.68 -25.11 -1.60
N LYS B 147 -16.95 -24.09 -2.39
CA LYS B 147 -17.31 -24.29 -3.78
C LYS B 147 -16.30 -25.14 -4.53
N GLN B 148 -15.04 -24.79 -4.41
CA GLN B 148 -14.01 -25.45 -5.21
C GLN B 148 -13.72 -26.83 -4.67
N TYR B 149 -13.56 -26.93 -3.35
CA TYR B 149 -13.25 -28.21 -2.74
C TYR B 149 -14.43 -29.11 -2.39
N ALA B 150 -15.46 -28.52 -1.81
CA ALA B 150 -16.61 -29.27 -1.30
C ALA B 150 -17.70 -29.43 -2.37
N SER B 151 -17.34 -29.10 -3.60
CA SER B 151 -18.30 -28.91 -4.70
C SER B 151 -19.42 -29.95 -4.82
N GLU B 152 -19.08 -31.22 -4.61
CA GLU B 152 -20.08 -32.27 -4.75
C GLU B 152 -21.15 -32.21 -3.68
N HIS B 153 -20.74 -31.85 -2.47
CA HIS B 153 -21.55 -32.08 -1.28
C HIS B 153 -22.39 -30.92 -0.79
N LEU B 154 -22.24 -29.75 -1.42
CA LEU B 154 -22.97 -28.57 -0.97
C LEU B 154 -23.70 -27.90 -2.09
N THR B 155 -24.87 -27.35 -1.77
CA THR B 155 -25.67 -26.63 -2.74
C THR B 155 -25.31 -25.16 -2.67
N ALA B 156 -25.88 -24.38 -3.58
CA ALA B 156 -25.68 -22.94 -3.57
C ALA B 156 -26.16 -22.36 -2.24
N LYS B 157 -27.39 -22.71 -1.88
CA LYS B 157 -27.99 -22.32 -0.61
C LYS B 157 -27.05 -22.60 0.57
N GLN B 158 -26.55 -23.83 0.62
CA GLN B 158 -25.76 -24.27 1.76
C GLN B 158 -24.44 -23.52 1.82
N ILE B 159 -23.80 -23.32 0.67
CA ILE B 159 -22.53 -22.63 0.64
C ILE B 159 -22.64 -21.20 1.15
N ALA B 160 -23.69 -20.50 0.76
CA ALA B 160 -23.91 -19.12 1.20
C ALA B 160 -24.01 -19.06 2.72
N LYS B 161 -24.96 -19.81 3.27
CA LYS B 161 -25.24 -19.76 4.69
C LYS B 161 -23.97 -20.04 5.47
N ALA B 162 -23.23 -21.03 5.01
CA ALA B 162 -21.97 -21.40 5.63
C ALA B 162 -21.00 -20.23 5.63
N SER B 163 -20.81 -19.61 4.48
CA SER B 163 -19.83 -18.54 4.32
C SER B 163 -20.10 -17.45 5.33
N LEU B 164 -21.35 -16.99 5.38
CA LEU B 164 -21.71 -15.93 6.29
C LEU B 164 -21.57 -16.39 7.73
N GLU B 165 -22.03 -17.60 7.99
CA GLU B 165 -21.90 -18.15 9.32
C GLU B 165 -20.43 -18.12 9.68
N ILE B 166 -19.59 -18.65 8.79
CA ILE B 166 -18.13 -18.58 8.97
C ILE B 166 -17.65 -17.14 9.16
N ALA B 167 -18.15 -16.26 8.31
CA ALA B 167 -17.83 -14.84 8.43
C ALA B 167 -18.22 -14.35 9.83
N GLY B 168 -19.41 -14.74 10.27
CA GLY B 168 -19.92 -14.33 11.58
C GLY B 168 -19.04 -14.79 12.72
N ASP B 169 -18.41 -15.95 12.55
CA ASP B 169 -17.59 -16.59 13.58
C ASP B 169 -16.31 -15.82 13.85
N ILE B 170 -15.82 -15.15 12.81
CA ILE B 170 -14.48 -14.59 12.83
C ILE B 170 -14.48 -13.07 12.91
N CYS B 171 -15.10 -12.44 11.92
CA CYS B 171 -15.28 -10.99 11.89
C CYS B 171 -16.21 -10.49 12.98
N VAL B 172 -15.73 -9.52 13.74
CA VAL B 172 -16.49 -8.92 14.82
C VAL B 172 -17.72 -8.18 14.30
N TYR B 173 -17.68 -7.77 13.04
CA TYR B 173 -18.76 -7.00 12.43
C TYR B 173 -19.85 -7.83 11.76
N THR B 174 -19.65 -9.14 11.65
CA THR B 174 -20.67 -10.02 11.09
C THR B 174 -21.22 -10.90 12.19
N ASN B 175 -22.53 -11.06 12.22
CA ASN B 175 -23.16 -11.97 13.16
C ASN B 175 -23.81 -13.15 12.46
N HIS B 176 -24.50 -13.98 13.23
CA HIS B 176 -25.03 -15.22 12.71
C HIS B 176 -26.48 -15.20 12.28
N ASN B 177 -27.11 -14.03 12.29
CA ASN B 177 -28.49 -13.94 11.84
C ASN B 177 -28.45 -13.69 10.36
N ILE B 178 -28.81 -14.72 9.60
CA ILE B 178 -28.53 -14.76 8.17
C ILE B 178 -29.76 -15.18 7.37
N ILE B 179 -30.20 -14.32 6.46
CA ILE B 179 -31.32 -14.68 5.60
C ILE B 179 -30.82 -15.08 4.21
N VAL B 180 -31.47 -16.08 3.62
CA VAL B 180 -31.03 -16.62 2.35
C VAL B 180 -32.14 -16.57 1.32
N GLU B 181 -31.86 -15.91 0.21
CA GLU B 181 -32.82 -15.81 -0.89
C GLU B 181 -32.26 -16.53 -2.10
N GLU B 182 -33.14 -17.14 -2.89
CA GLU B 182 -32.71 -17.88 -4.07
C GLU B 182 -33.54 -17.54 -5.30
N LEU B 183 -33.06 -17.96 -6.47
CA LEU B 183 -33.77 -17.75 -7.72
C LEU B 183 -34.04 -19.08 -8.42
N HIS C 8 -7.16 -1.89 -8.48
CA HIS C 8 -5.89 -1.50 -9.10
C HIS C 8 -5.89 -1.70 -10.62
N ALA C 9 -5.07 -0.91 -11.28
CA ALA C 9 -4.98 -0.91 -12.74
C ALA C 9 -4.25 -2.14 -13.27
N THR C 10 -4.88 -2.83 -14.21
CA THR C 10 -4.25 -3.96 -14.88
C THR C 10 -3.09 -3.45 -15.75
N THR C 11 -2.20 -4.35 -16.14
CA THR C 11 -0.99 -3.99 -16.88
C THR C 11 -1.12 -4.24 -18.39
N ILE C 12 -0.96 -3.20 -19.20
CA ILE C 12 -1.09 -3.34 -20.65
C ILE C 12 0.19 -2.96 -21.40
N PHE C 13 0.55 -3.77 -22.39
CA PHE C 13 1.81 -3.61 -23.12
C PHE C 13 1.60 -3.57 -24.63
N ALA C 14 2.17 -2.58 -25.29
CA ALA C 14 2.07 -2.46 -26.75
C ALA C 14 3.44 -2.37 -27.38
N VAL C 15 3.64 -3.12 -28.46
CA VAL C 15 4.95 -3.19 -29.13
C VAL C 15 4.85 -3.16 -30.65
N HIS C 16 5.66 -2.29 -31.26
CA HIS C 16 5.78 -2.22 -32.71
C HIS C 16 7.05 -2.96 -33.06
N HIS C 17 6.92 -4.14 -33.65
CA HIS C 17 8.08 -4.98 -33.91
C HIS C 17 7.96 -5.76 -35.21
N ASN C 18 9.05 -5.76 -35.97
CA ASN C 18 9.22 -6.60 -37.17
C ASN C 18 8.02 -6.58 -38.11
N GLY C 19 7.38 -5.43 -38.20
CA GLY C 19 6.20 -5.27 -39.02
C GLY C 19 4.94 -5.76 -38.32
N GLU C 20 5.08 -6.25 -37.10
CA GLU C 20 3.91 -6.73 -36.38
C GLU C 20 3.50 -5.75 -35.31
N CYS C 21 2.20 -5.70 -35.06
CA CYS C 21 1.64 -4.86 -34.03
C CYS C 21 0.94 -5.74 -33.04
N ALA C 22 1.46 -5.78 -31.82
CA ALA C 22 0.83 -6.53 -30.78
C ALA C 22 0.58 -5.66 -29.55
N MET C 23 -0.56 -5.89 -28.91
CA MET C 23 -0.81 -5.33 -27.59
C MET C 23 -1.38 -6.41 -26.71
N ALA C 24 -0.98 -6.42 -25.44
CA ALA C 24 -1.47 -7.41 -24.50
C ALA C 24 -1.69 -6.81 -23.11
N GLY C 25 -2.49 -7.49 -22.29
CA GLY C 25 -2.71 -7.05 -20.92
C GLY C 25 -3.10 -8.20 -20.01
N ASP C 26 -2.85 -8.06 -18.70
CA ASP C 26 -3.24 -9.10 -17.75
C ASP C 26 -4.72 -9.01 -17.38
N GLY C 27 -5.20 -9.94 -16.55
CA GLY C 27 -6.60 -9.95 -16.17
C GLY C 27 -6.88 -9.58 -14.73
N GLN C 28 -5.86 -9.15 -14.00
CA GLN C 28 -6.01 -8.95 -12.55
C GLN C 28 -6.77 -7.70 -12.12
N VAL C 29 -7.80 -7.91 -11.32
CA VAL C 29 -8.60 -6.82 -10.78
C VAL C 29 -8.44 -6.78 -9.26
N THR C 30 -7.78 -5.75 -8.76
CA THR C 30 -7.42 -5.71 -7.34
C THR C 30 -8.28 -4.73 -6.52
N MET C 31 -9.09 -5.29 -5.62
CA MET C 31 -9.91 -4.48 -4.74
C MET C 31 -9.12 -3.97 -3.54
N GLY C 32 -9.17 -2.66 -3.33
CA GLY C 32 -8.57 -2.06 -2.15
C GLY C 32 -7.11 -2.41 -2.00
N ASN C 33 -6.76 -2.97 -0.85
CA ASN C 33 -5.37 -3.24 -0.54
C ASN C 33 -4.83 -4.56 -1.08
N ALA C 34 -5.21 -5.66 -0.43
CA ALA C 34 -4.67 -6.97 -0.76
C ALA C 34 -5.58 -7.84 -1.61
N VAL C 35 -6.77 -7.37 -1.93
CA VAL C 35 -7.78 -8.27 -2.45
C VAL C 35 -8.01 -8.24 -3.96
N VAL C 36 -8.00 -9.43 -4.57
CA VAL C 36 -8.31 -9.58 -5.99
C VAL C 36 -9.72 -10.05 -6.19
N MET C 37 -10.53 -9.25 -6.89
CA MET C 37 -11.88 -9.66 -7.21
C MET C 37 -11.93 -10.60 -8.41
N LYS C 38 -11.14 -10.32 -9.45
CA LYS C 38 -11.28 -11.06 -10.69
C LYS C 38 -9.93 -11.23 -11.40
N HIS C 39 -9.67 -12.43 -11.93
CA HIS C 39 -8.44 -12.70 -12.68
C HIS C 39 -8.53 -12.62 -14.21
N THR C 40 -9.72 -12.60 -14.78
CA THR C 40 -9.85 -12.74 -16.24
C THR C 40 -10.16 -11.50 -17.13
N ALA C 41 -10.26 -10.32 -16.54
CA ALA C 41 -10.71 -9.12 -17.25
C ALA C 41 -9.98 -8.83 -18.57
N ARG C 42 -10.74 -8.58 -19.64
CA ARG C 42 -10.14 -8.25 -20.92
C ARG C 42 -10.09 -6.73 -21.11
N LYS C 43 -8.88 -6.18 -21.08
CA LYS C 43 -8.68 -4.74 -21.18
C LYS C 43 -8.27 -4.24 -22.56
N VAL C 44 -8.08 -5.15 -23.51
CA VAL C 44 -7.62 -4.77 -24.84
C VAL C 44 -8.64 -5.15 -25.91
N ARG C 45 -9.03 -4.20 -26.75
CA ARG C 45 -10.01 -4.48 -27.78
C ARG C 45 -9.74 -3.77 -29.10
N LYS C 46 -10.18 -4.40 -30.20
CA LYS C 46 -10.05 -3.83 -31.52
C LYS C 46 -11.17 -2.83 -31.79
N LEU C 47 -10.83 -1.77 -32.53
CA LEU C 47 -11.77 -0.73 -32.85
C LEU C 47 -11.62 -0.35 -34.30
N PHE C 48 -12.54 0.49 -34.78
CA PHE C 48 -12.42 1.04 -36.12
C PHE C 48 -12.40 -0.08 -37.14
N GLN C 49 -13.40 -0.95 -37.06
CA GLN C 49 -13.49 -2.18 -37.84
C GLN C 49 -12.22 -3.04 -37.78
N GLY C 50 -11.57 -3.00 -36.63
CA GLY C 50 -10.40 -3.85 -36.40
C GLY C 50 -9.11 -3.24 -36.89
N LYS C 51 -9.16 -2.00 -37.34
CA LYS C 51 -7.96 -1.32 -37.82
C LYS C 51 -7.01 -0.95 -36.68
N VAL C 52 -7.56 -0.83 -35.47
CA VAL C 52 -6.76 -0.38 -34.32
C VAL C 52 -6.89 -1.24 -33.08
N LEU C 53 -5.86 -1.17 -32.24
CA LEU C 53 -5.89 -1.75 -30.91
C LEU C 53 -5.89 -0.63 -29.88
N ALA C 54 -6.67 -0.82 -28.82
CA ALA C 54 -6.68 0.13 -27.73
C ALA C 54 -6.64 -0.64 -26.42
N GLY C 55 -6.17 0.01 -25.38
CA GLY C 55 -6.21 -0.62 -24.07
C GLY C 55 -6.34 0.46 -23.03
N PHE C 56 -6.96 0.11 -21.92
CA PHE C 56 -7.24 1.05 -20.86
C PHE C 56 -7.12 0.37 -19.51
N ALA C 57 -6.39 1.00 -18.61
CA ALA C 57 -6.05 0.41 -17.31
C ALA C 57 -7.24 0.21 -16.37
N GLY C 58 -8.12 1.21 -16.33
CA GLY C 58 -9.11 1.32 -15.27
C GLY C 58 -10.50 0.76 -15.50
N SER C 59 -11.50 1.46 -14.95
CA SER C 59 -12.88 1.03 -14.93
C SER C 59 -13.44 0.65 -16.30
N VAL C 60 -14.25 -0.39 -16.30
CA VAL C 60 -14.92 -0.84 -17.50
C VAL C 60 -15.86 0.23 -18.06
N ALA C 61 -16.55 0.94 -17.17
CA ALA C 61 -17.51 1.96 -17.59
C ALA C 61 -16.78 3.06 -18.31
N ASP C 62 -15.68 3.50 -17.70
CA ASP C 62 -14.88 4.57 -18.26
C ASP C 62 -14.11 4.09 -19.47
N ALA C 63 -13.94 2.78 -19.56
CA ALA C 63 -13.29 2.20 -20.72
C ALA C 63 -14.10 2.46 -21.98
N PHE C 64 -15.38 2.14 -21.92
CA PHE C 64 -16.21 2.17 -23.13
C PHE C 64 -16.61 3.56 -23.57
N THR C 65 -16.66 4.49 -22.63
CA THR C 65 -16.95 5.87 -22.96
C THR C 65 -15.80 6.41 -23.80
N LEU C 66 -14.59 6.31 -23.25
CA LEU C 66 -13.37 6.77 -23.91
C LEU C 66 -13.15 6.07 -25.26
N PHE C 67 -13.34 4.76 -25.27
CA PHE C 67 -13.21 3.98 -26.49
C PHE C 67 -14.13 4.53 -27.56
N GLU C 68 -15.41 4.57 -27.22
CA GLU C 68 -16.41 5.16 -28.09
C GLU C 68 -15.94 6.54 -28.46
N MET C 69 -15.61 7.32 -27.44
CA MET C 69 -15.15 8.69 -27.62
C MET C 69 -14.01 8.75 -28.61
N PHE C 70 -13.04 7.88 -28.45
CA PHE C 70 -11.91 7.89 -29.37
C PHE C 70 -12.30 7.41 -30.76
N GLU C 71 -13.03 6.31 -30.83
CA GLU C 71 -13.42 5.75 -32.11
C GLU C 71 -14.19 6.81 -32.87
N GLY C 72 -14.94 7.61 -32.12
CA GLY C 72 -15.62 8.77 -32.67
C GLY C 72 -14.63 9.68 -33.38
N LYS C 73 -13.56 10.05 -32.67
CA LYS C 73 -12.53 10.91 -33.24
C LYS C 73 -12.01 10.33 -34.54
N LEU C 74 -11.67 9.04 -34.50
CA LEU C 74 -11.16 8.34 -35.66
C LEU C 74 -12.04 8.48 -36.89
N GLU C 75 -13.35 8.43 -36.70
CA GLU C 75 -14.27 8.54 -37.82
C GLU C 75 -14.25 9.96 -38.36
N GLU C 76 -14.22 10.94 -37.45
CA GLU C 76 -14.22 12.35 -37.80
C GLU C 76 -12.91 12.72 -38.51
N TYR C 77 -11.82 12.15 -38.02
CA TYR C 77 -10.49 12.50 -38.48
C TYR C 77 -9.93 11.59 -39.57
N ASN C 78 -10.80 10.73 -40.11
CA ASN C 78 -10.45 9.84 -41.22
C ASN C 78 -9.39 8.81 -40.85
N GLY C 79 -9.41 8.36 -39.62
CA GLY C 79 -8.49 7.33 -39.16
C GLY C 79 -7.05 7.81 -39.05
N ASN C 80 -6.87 9.09 -38.76
CA ASN C 80 -5.54 9.60 -38.49
C ASN C 80 -5.35 9.48 -36.99
N LEU C 81 -4.51 8.54 -36.57
CA LEU C 81 -4.31 8.29 -35.16
C LEU C 81 -3.67 9.51 -34.50
N GLN C 82 -2.68 10.08 -35.17
CA GLN C 82 -1.98 11.26 -34.67
C GLN C 82 -2.98 12.36 -34.36
N ARG C 83 -3.76 12.74 -35.36
CA ARG C 83 -4.72 13.81 -35.18
C ARG C 83 -5.80 13.39 -34.17
N ALA C 84 -6.42 12.24 -34.39
CA ALA C 84 -7.57 11.84 -33.56
C ALA C 84 -7.26 11.59 -32.09
N ALA C 85 -5.99 11.32 -31.77
CA ALA C 85 -5.58 11.11 -30.39
C ALA C 85 -5.43 12.44 -29.66
N VAL C 86 -5.02 13.45 -30.41
CA VAL C 86 -4.86 14.78 -29.86
C VAL C 86 -6.22 15.33 -29.46
N GLU C 87 -7.15 15.26 -30.39
CA GLU C 87 -8.50 15.75 -30.19
C GLU C 87 -9.17 15.00 -29.04
N MET C 88 -8.83 13.72 -28.94
CA MET C 88 -9.29 12.87 -27.84
C MET C 88 -8.83 13.42 -26.49
N ALA C 89 -7.55 13.79 -26.42
CA ALA C 89 -6.96 14.28 -25.17
C ALA C 89 -7.56 15.62 -24.76
N LYS C 90 -7.77 16.51 -25.72
CA LYS C 90 -8.38 17.80 -25.47
C LYS C 90 -9.73 17.55 -24.82
N GLN C 91 -10.52 16.71 -25.48
CA GLN C 91 -11.88 16.44 -25.07
C GLN C 91 -11.94 15.79 -23.69
N TRP C 92 -11.06 14.83 -23.46
CA TRP C 92 -10.96 14.14 -22.19
C TRP C 92 -10.68 15.16 -21.10
N ARG C 93 -9.76 16.07 -21.41
CA ARG C 93 -9.35 17.11 -20.49
C ARG C 93 -10.47 18.10 -20.21
N GLY C 94 -11.41 18.23 -21.15
CA GLY C 94 -12.52 19.14 -21.01
C GLY C 94 -13.61 18.63 -20.07
N ASP C 95 -13.94 17.34 -20.19
CA ASP C 95 -14.94 16.71 -19.32
C ASP C 95 -14.46 16.72 -17.89
N LYS C 96 -15.32 17.18 -16.99
CA LYS C 96 -14.92 17.40 -15.61
C LYS C 96 -14.59 16.12 -14.84
N MET C 97 -15.49 15.14 -14.84
CA MET C 97 -15.31 13.96 -14.01
C MET C 97 -14.32 12.97 -14.62
N LEU C 98 -14.19 13.01 -15.94
CA LEU C 98 -13.28 12.10 -16.63
C LEU C 98 -11.84 12.55 -16.57
N ARG C 99 -11.61 13.86 -16.53
CA ARG C 99 -10.25 14.36 -16.51
C ARG C 99 -9.64 14.03 -15.16
N GLN C 100 -10.42 13.42 -14.31
CA GLN C 100 -9.93 13.02 -13.01
C GLN C 100 -9.44 11.59 -13.00
N LEU C 101 -9.46 10.95 -14.16
CA LEU C 101 -9.05 9.56 -14.25
C LEU C 101 -7.55 9.42 -14.23
N GLU C 102 -7.05 8.64 -13.29
CA GLU C 102 -5.65 8.24 -13.22
C GLU C 102 -5.17 7.33 -14.35
N ALA C 103 -6.02 6.39 -14.74
CA ALA C 103 -5.68 5.38 -15.72
C ALA C 103 -5.45 5.96 -17.10
N MET C 104 -4.56 5.33 -17.84
CA MET C 104 -4.09 5.88 -19.10
C MET C 104 -4.45 4.98 -20.27
N LEU C 105 -4.33 5.53 -21.46
CA LEU C 105 -4.88 4.88 -22.65
C LEU C 105 -3.86 4.75 -23.77
N ILE C 106 -3.65 3.52 -24.26
CA ILE C 106 -2.73 3.29 -25.36
C ILE C 106 -3.51 2.97 -26.61
N VAL C 107 -3.23 3.70 -27.68
CA VAL C 107 -3.79 3.39 -28.99
C VAL C 107 -2.67 3.07 -29.95
N MET C 108 -2.91 2.13 -30.85
CA MET C 108 -1.91 1.84 -31.85
C MET C 108 -2.53 1.37 -33.13
N ASP C 109 -1.90 1.73 -34.24
CA ASP C 109 -2.23 1.16 -35.53
C ASP C 109 -0.99 0.46 -36.07
N LYS C 110 -1.06 -0.02 -37.30
CA LYS C 110 0.10 -0.62 -37.94
C LYS C 110 1.24 0.38 -38.09
N THR C 111 0.90 1.64 -38.28
CA THR C 111 1.90 2.67 -38.48
C THR C 111 2.53 3.16 -37.17
N THR C 112 1.71 3.43 -36.17
CA THR C 112 2.20 4.07 -34.94
C THR C 112 1.35 3.80 -33.70
N MET C 113 1.93 4.09 -32.53
CA MET C 113 1.23 3.93 -31.26
C MET C 113 1.29 5.20 -30.41
N LEU C 114 0.28 5.37 -29.57
CA LEU C 114 0.15 6.56 -28.74
C LEU C 114 -0.40 6.29 -27.35
N LEU C 115 0.03 7.11 -26.42
CA LEU C 115 -0.41 7.04 -25.04
C LEU C 115 -1.11 8.34 -24.69
N VAL C 116 -2.38 8.25 -24.29
CA VAL C 116 -3.18 9.43 -23.99
C VAL C 116 -3.69 9.43 -22.55
N SER C 117 -3.59 10.58 -21.88
CA SER C 117 -3.98 10.67 -20.49
C SER C 117 -5.04 11.73 -20.28
N GLY C 118 -5.71 11.65 -19.14
CA GLY C 118 -6.72 12.63 -18.77
C GLY C 118 -6.12 13.95 -18.39
N THR C 119 -4.79 14.04 -18.39
CA THR C 119 -4.09 15.28 -18.14
C THR C 119 -3.87 16.03 -19.45
N GLY C 120 -4.40 15.47 -20.53
CA GLY C 120 -4.23 16.05 -21.85
C GLY C 120 -2.84 15.81 -22.39
N GLU C 121 -2.17 14.79 -21.86
CA GLU C 121 -0.87 14.41 -22.39
C GLU C 121 -1.06 13.46 -23.56
N VAL C 122 -0.19 13.57 -24.55
CA VAL C 122 -0.13 12.60 -25.64
C VAL C 122 1.31 12.20 -25.91
N ILE C 123 1.61 10.91 -25.73
CA ILE C 123 2.96 10.39 -25.83
C ILE C 123 3.15 9.40 -26.96
N GLU C 124 4.17 9.61 -27.79
CA GLU C 124 4.56 8.61 -28.78
C GLU C 124 5.97 8.09 -28.52
N PRO C 125 6.09 6.79 -28.26
CA PRO C 125 7.38 6.20 -27.89
C PRO C 125 8.32 6.21 -29.06
N ASP C 126 9.60 6.47 -28.80
CA ASP C 126 10.58 6.52 -29.86
C ASP C 126 11.10 5.13 -30.21
N ASP C 127 10.91 4.20 -29.28
CA ASP C 127 11.32 2.83 -29.47
C ASP C 127 10.17 1.93 -29.94
N GLY C 128 8.99 2.50 -30.07
CA GLY C 128 7.83 1.74 -30.50
C GLY C 128 7.33 0.75 -29.47
N ILE C 129 7.61 1.04 -28.20
CA ILE C 129 7.07 0.26 -27.10
C ILE C 129 6.34 1.17 -26.12
N LEU C 130 5.08 0.85 -25.85
CA LEU C 130 4.30 1.56 -24.85
C LEU C 130 3.73 0.55 -23.85
N ALA C 131 3.80 0.90 -22.57
CA ALA C 131 3.23 0.08 -21.52
C ALA C 131 2.66 0.94 -20.41
N ILE C 132 1.43 0.65 -19.99
CA ILE C 132 0.79 1.41 -18.93
C ILE C 132 0.30 0.50 -17.82
N GLY C 133 -0.02 1.08 -16.68
CA GLY C 133 -0.60 0.33 -15.58
C GLY C 133 0.35 -0.01 -14.46
N SER C 134 -0.11 -0.87 -13.57
CA SER C 134 0.64 -1.25 -12.38
C SER C 134 2.02 -1.81 -12.71
N GLY C 135 2.04 -2.88 -13.50
CA GLY C 135 3.29 -3.52 -13.87
C GLY C 135 3.95 -2.84 -15.05
N GLY C 136 3.50 -1.62 -15.32
CA GLY C 136 3.91 -0.88 -16.51
C GLY C 136 5.40 -0.78 -16.69
N ASN C 137 6.10 -0.31 -15.67
CA ASN C 137 7.54 -0.19 -15.73
C ASN C 137 8.23 -1.52 -15.99
N TYR C 138 7.65 -2.59 -15.44
CA TYR C 138 8.26 -3.90 -15.49
C TYR C 138 8.17 -4.51 -16.88
N ALA C 139 7.00 -4.40 -17.50
CA ALA C 139 6.81 -4.89 -18.86
C ALA C 139 7.66 -4.12 -19.84
N LEU C 140 7.71 -2.81 -19.66
CA LEU C 140 8.44 -1.92 -20.55
C LEU C 140 9.92 -2.26 -20.61
N SER C 141 10.53 -2.35 -19.44
CA SER C 141 11.94 -2.70 -19.33
C SER C 141 12.15 -4.04 -19.99
N ALA C 142 11.35 -5.03 -19.59
CA ALA C 142 11.41 -6.36 -20.19
C ALA C 142 11.34 -6.28 -21.71
N GLY C 143 10.34 -5.58 -22.23
CA GLY C 143 10.14 -5.45 -23.66
C GLY C 143 11.27 -4.76 -24.42
N ARG C 144 11.68 -3.59 -23.96
CA ARG C 144 12.77 -2.87 -24.60
C ARG C 144 14.08 -3.65 -24.62
N ALA C 145 14.32 -4.42 -23.56
CA ALA C 145 15.48 -5.29 -23.47
C ALA C 145 15.48 -6.32 -24.60
N LEU C 146 14.34 -7.00 -24.74
CA LEU C 146 14.19 -8.01 -25.76
C LEU C 146 14.35 -7.37 -27.11
N LYS C 147 13.53 -6.37 -27.37
CA LYS C 147 13.56 -5.67 -28.64
C LYS C 147 14.98 -5.28 -29.01
N GLN C 148 15.69 -4.67 -28.07
CA GLN C 148 17.01 -4.16 -28.37
C GLN C 148 17.96 -5.31 -28.64
N TYR C 149 18.10 -6.17 -27.65
CA TYR C 149 19.09 -7.23 -27.69
C TYR C 149 18.68 -8.54 -28.38
N ALA C 150 17.46 -9.00 -28.11
CA ALA C 150 16.95 -10.31 -28.54
C ALA C 150 16.23 -10.24 -29.87
N SER C 151 16.42 -9.13 -30.58
CA SER C 151 15.60 -8.72 -31.71
C SER C 151 15.16 -9.82 -32.68
N GLU C 152 16.10 -10.42 -33.40
CA GLU C 152 15.75 -11.39 -34.45
C GLU C 152 15.12 -12.68 -33.93
N HIS C 153 15.41 -13.03 -32.69
CA HIS C 153 15.01 -14.32 -32.14
C HIS C 153 13.59 -14.33 -31.59
N LEU C 154 12.92 -13.19 -31.68
CA LEU C 154 11.59 -13.04 -31.08
C LEU C 154 10.65 -12.24 -31.98
N THR C 155 9.36 -12.56 -31.92
CA THR C 155 8.36 -11.79 -32.66
C THR C 155 7.69 -10.75 -31.75
N ALA C 156 6.81 -9.94 -32.34
CA ALA C 156 6.13 -8.92 -31.57
C ALA C 156 5.20 -9.55 -30.55
N LYS C 157 4.38 -10.48 -31.03
CA LYS C 157 3.46 -11.23 -30.17
C LYS C 157 4.24 -11.90 -29.03
N GLN C 158 5.44 -12.38 -29.34
CA GLN C 158 6.25 -13.03 -28.33
C GLN C 158 6.80 -12.03 -27.31
N ILE C 159 7.35 -10.91 -27.78
CA ILE C 159 7.85 -9.88 -26.86
C ILE C 159 6.74 -9.37 -25.97
N ALA C 160 5.56 -9.16 -26.56
CA ALA C 160 4.40 -8.69 -25.82
C ALA C 160 3.98 -9.69 -24.75
N LYS C 161 4.04 -10.98 -25.10
CA LYS C 161 3.69 -12.06 -24.16
C LYS C 161 4.72 -12.17 -23.02
N ALA C 162 5.99 -12.04 -23.37
CA ALA C 162 7.08 -12.18 -22.43
C ALA C 162 7.11 -11.05 -21.42
N SER C 163 6.99 -9.83 -21.93
CA SER C 163 7.02 -8.65 -21.10
C SER C 163 5.99 -8.78 -20.00
N LEU C 164 4.80 -9.20 -20.37
CA LEU C 164 3.76 -9.40 -19.39
C LEU C 164 4.00 -10.61 -18.51
N GLU C 165 4.70 -11.59 -19.03
CA GLU C 165 5.06 -12.73 -18.21
C GLU C 165 5.98 -12.24 -17.11
N ILE C 166 6.87 -11.32 -17.47
CA ILE C 166 7.81 -10.73 -16.53
C ILE C 166 7.10 -9.78 -15.58
N ALA C 167 6.27 -8.92 -16.14
CA ALA C 167 5.44 -8.04 -15.34
C ALA C 167 4.64 -8.87 -14.33
N GLY C 168 4.17 -10.02 -14.77
CA GLY C 168 3.41 -10.92 -13.90
C GLY C 168 4.16 -11.32 -12.66
N ASP C 169 5.45 -11.63 -12.81
CA ASP C 169 6.26 -12.16 -11.73
C ASP C 169 6.84 -11.14 -10.74
N ILE C 170 7.23 -9.98 -11.23
CA ILE C 170 7.77 -8.96 -10.34
C ILE C 170 6.65 -8.18 -9.65
N CYS C 171 5.61 -7.86 -10.42
CA CYS C 171 4.55 -7.00 -9.92
C CYS C 171 3.39 -7.76 -9.31
N VAL C 172 3.03 -7.39 -8.09
CA VAL C 172 1.97 -8.06 -7.37
C VAL C 172 0.58 -7.79 -7.96
N TYR C 173 0.44 -6.65 -8.65
CA TYR C 173 -0.83 -6.23 -9.22
C TYR C 173 -1.00 -6.67 -10.68
N THR C 174 -0.03 -7.44 -11.16
CA THR C 174 -0.12 -8.06 -12.48
C THR C 174 -0.09 -9.56 -12.34
N ASN C 175 -1.14 -10.22 -12.81
CA ASN C 175 -1.21 -11.68 -12.74
C ASN C 175 -0.80 -12.29 -14.06
N HIS C 176 -0.96 -13.61 -14.15
CA HIS C 176 -0.54 -14.33 -15.34
C HIS C 176 -1.63 -14.71 -16.32
N ASN C 177 -2.85 -14.24 -16.10
CA ASN C 177 -3.90 -14.47 -17.08
C ASN C 177 -3.89 -13.30 -18.06
N ILE C 178 -3.47 -13.59 -19.29
CA ILE C 178 -3.03 -12.57 -20.23
C ILE C 178 -3.67 -12.70 -21.62
N ILE C 179 -4.29 -11.62 -22.12
CA ILE C 179 -4.81 -11.61 -23.50
C ILE C 179 -3.94 -10.73 -24.42
N VAL C 180 -3.69 -11.21 -25.63
CA VAL C 180 -2.84 -10.49 -26.57
C VAL C 180 -3.55 -10.27 -27.91
N GLU C 181 -3.46 -9.04 -28.41
CA GLU C 181 -4.11 -8.71 -29.66
C GLU C 181 -3.10 -8.39 -30.71
N GLU C 182 -3.51 -8.53 -31.97
CA GLU C 182 -2.61 -8.32 -33.08
C GLU C 182 -3.35 -7.79 -34.28
N LEU C 183 -2.67 -6.92 -35.02
CA LEU C 183 -3.23 -6.33 -36.22
C LEU C 183 -2.73 -7.07 -37.46
N ASN D 6 10.33 -3.47 5.03
CA ASN D 6 9.16 -3.21 4.20
C ASN D 6 8.63 -4.49 3.59
N PHE D 7 9.42 -5.55 3.74
CA PHE D 7 9.05 -6.84 3.19
C PHE D 7 7.71 -7.30 3.72
N HIS D 8 6.94 -7.96 2.87
CA HIS D 8 5.62 -8.42 3.27
C HIS D 8 5.60 -9.88 3.70
N ALA D 9 4.91 -10.11 4.81
CA ALA D 9 4.90 -11.40 5.48
C ALA D 9 4.26 -12.50 4.63
N THR D 10 5.00 -13.59 4.47
CA THR D 10 4.48 -14.75 3.76
C THR D 10 3.33 -15.30 4.59
N THR D 11 2.49 -16.14 3.98
CA THR D 11 1.31 -16.66 4.64
C THR D 11 1.47 -18.11 5.15
N ILE D 12 1.20 -18.34 6.43
CA ILE D 12 1.36 -19.67 7.03
C ILE D 12 0.06 -20.15 7.67
N PHE D 13 -0.19 -21.45 7.57
CA PHE D 13 -1.43 -22.05 8.09
C PHE D 13 -1.12 -23.35 8.80
N ALA D 14 -1.78 -23.58 9.93
CA ALA D 14 -1.62 -24.82 10.69
C ALA D 14 -2.98 -25.39 11.09
N VAL D 15 -3.11 -26.71 11.04
CA VAL D 15 -4.39 -27.36 11.26
C VAL D 15 -4.24 -28.68 12.01
N HIS D 16 -5.12 -28.92 12.97
CA HIS D 16 -5.28 -30.22 13.60
C HIS D 16 -6.60 -30.81 13.09
N HIS D 17 -6.53 -31.85 12.25
CA HIS D 17 -7.76 -32.44 11.73
C HIS D 17 -7.70 -33.95 11.51
N ASN D 18 -8.76 -34.63 11.95
CA ASN D 18 -8.90 -36.08 11.83
C ASN D 18 -7.69 -36.85 12.35
N GLY D 19 -7.11 -36.35 13.44
CA GLY D 19 -5.95 -36.97 14.03
C GLY D 19 -4.72 -36.69 13.20
N GLU D 20 -4.67 -35.53 12.57
CA GLU D 20 -3.52 -35.17 11.77
C GLU D 20 -3.17 -33.71 11.98
N CYS D 21 -1.89 -33.40 11.86
CA CYS D 21 -1.42 -32.04 12.03
C CYS D 21 -0.67 -31.67 10.79
N ALA D 22 -1.10 -30.59 10.15
CA ALA D 22 -0.40 -30.09 8.98
C ALA D 22 -0.14 -28.61 9.14
N MET D 23 1.00 -28.17 8.62
CA MET D 23 1.30 -26.75 8.56
C MET D 23 1.86 -26.40 7.20
N ALA D 24 1.27 -25.40 6.56
CA ALA D 24 1.76 -24.98 5.25
C ALA D 24 2.12 -23.51 5.23
N GLY D 25 2.96 -23.12 4.26
CA GLY D 25 3.30 -21.73 4.05
C GLY D 25 3.63 -21.54 2.59
N ASP D 26 3.56 -20.31 2.09
CA ASP D 26 3.91 -20.05 0.69
C ASP D 26 5.35 -19.57 0.52
N GLY D 27 5.76 -19.33 -0.73
CA GLY D 27 7.13 -18.96 -1.01
C GLY D 27 7.37 -17.51 -1.38
N GLN D 28 6.28 -16.74 -1.46
CA GLN D 28 6.36 -15.37 -1.96
C GLN D 28 7.11 -14.38 -1.07
N VAL D 29 8.06 -13.67 -1.66
CA VAL D 29 8.79 -12.65 -0.94
C VAL D 29 8.57 -11.30 -1.58
N THR D 30 7.92 -10.40 -0.84
CA THR D 30 7.50 -9.11 -1.37
C THR D 30 8.27 -7.94 -0.76
N MET D 31 9.10 -7.28 -1.56
CA MET D 31 9.75 -6.08 -1.06
C MET D 31 8.95 -4.82 -1.41
N GLY D 32 8.93 -3.88 -0.47
CA GLY D 32 8.14 -2.67 -0.62
C GLY D 32 6.69 -3.04 -0.77
N ASN D 33 5.91 -2.12 -1.32
CA ASN D 33 4.51 -2.42 -1.55
C ASN D 33 4.33 -3.42 -2.69
N ALA D 34 4.90 -3.11 -3.85
CA ALA D 34 4.56 -3.80 -5.08
C ALA D 34 5.50 -4.91 -5.59
N VAL D 35 6.61 -5.17 -4.92
CA VAL D 35 7.67 -5.92 -5.62
C VAL D 35 8.05 -7.30 -5.04
N VAL D 36 8.18 -8.30 -5.92
CA VAL D 36 8.49 -9.68 -5.52
C VAL D 36 9.89 -10.15 -5.90
N MET D 37 10.72 -10.37 -4.88
CA MET D 37 12.12 -10.76 -5.07
C MET D 37 12.33 -12.25 -5.35
N LYS D 38 11.63 -13.12 -4.63
CA LYS D 38 11.73 -14.55 -4.86
C LYS D 38 10.42 -15.24 -4.52
N HIS D 39 10.09 -16.29 -5.26
CA HIS D 39 8.85 -17.03 -5.06
C HIS D 39 8.95 -18.34 -4.28
N THR D 40 10.18 -18.74 -3.95
CA THR D 40 10.43 -20.07 -3.40
C THR D 40 10.63 -20.23 -1.88
N ALA D 41 10.47 -19.15 -1.11
CA ALA D 41 10.80 -19.17 0.31
C ALA D 41 10.17 -20.33 1.10
N ARG D 42 10.97 -20.95 1.96
CA ARG D 42 10.47 -22.00 2.84
C ARG D 42 10.43 -21.49 4.27
N LYS D 43 9.22 -21.23 4.75
CA LYS D 43 9.05 -20.64 6.09
C LYS D 43 8.64 -21.60 7.20
N VAL D 44 8.43 -22.87 6.87
CA VAL D 44 7.98 -23.83 7.86
C VAL D 44 9.06 -24.89 8.10
N ARG D 45 9.22 -25.32 9.35
CA ARG D 45 10.21 -26.35 9.66
C ARG D 45 9.85 -27.17 10.89
N LYS D 46 10.51 -28.31 11.03
CA LYS D 46 10.31 -29.18 12.18
C LYS D 46 11.41 -28.94 13.18
N LEU D 47 11.05 -28.96 14.46
CA LEU D 47 12.01 -28.75 15.53
C LEU D 47 11.86 -29.85 16.53
N PHE D 48 12.78 -29.90 17.49
CA PHE D 48 12.71 -30.86 18.58
C PHE D 48 12.82 -32.25 18.01
N GLN D 49 13.70 -32.40 17.02
CA GLN D 49 13.81 -33.64 16.26
C GLN D 49 12.47 -34.03 15.67
N GLY D 50 11.89 -33.10 14.93
CA GLY D 50 10.65 -33.38 14.23
C GLY D 50 9.42 -33.53 15.11
N LYS D 51 9.56 -33.25 16.40
CA LYS D 51 8.43 -33.33 17.32
C LYS D 51 7.48 -32.14 17.16
N VAL D 52 8.02 -31.00 16.76
CA VAL D 52 7.21 -29.79 16.62
C VAL D 52 7.37 -29.05 15.30
N LEU D 53 6.23 -28.56 14.81
CA LEU D 53 6.18 -27.76 13.60
C LEU D 53 5.99 -26.29 13.96
N ALA D 54 6.89 -25.46 13.46
CA ALA D 54 6.82 -24.04 13.75
C ALA D 54 7.05 -23.24 12.47
N GLY D 55 6.50 -22.04 12.43
CA GLY D 55 6.66 -21.18 11.28
C GLY D 55 6.62 -19.72 11.67
N PHE D 56 7.29 -18.91 10.88
CA PHE D 56 7.47 -17.50 11.17
C PHE D 56 7.37 -16.71 9.87
N ALA D 57 6.54 -15.67 9.88
CA ALA D 57 6.24 -14.91 8.68
C ALA D 57 7.39 -13.97 8.28
N GLY D 58 8.20 -13.58 9.26
CA GLY D 58 9.15 -12.50 9.07
C GLY D 58 10.49 -12.87 8.47
N SER D 59 11.51 -12.09 8.83
CA SER D 59 12.82 -12.21 8.21
C SER D 59 13.49 -13.53 8.53
N VAL D 60 14.47 -13.87 7.70
CA VAL D 60 15.17 -15.13 7.79
C VAL D 60 16.04 -15.24 9.04
N ALA D 61 16.80 -14.18 9.32
CA ALA D 61 17.68 -14.16 10.49
C ALA D 61 16.84 -14.03 11.75
N ASP D 62 15.67 -13.44 11.61
CA ASP D 62 14.73 -13.38 12.73
C ASP D 62 14.14 -14.75 12.93
N ALA D 63 13.86 -15.43 11.81
CA ALA D 63 13.29 -16.76 11.86
C ALA D 63 14.12 -17.64 12.77
N PHE D 64 15.42 -17.70 12.54
CA PHE D 64 16.25 -18.65 13.28
C PHE D 64 16.58 -18.26 14.72
N THR D 65 16.72 -16.97 15.01
CA THR D 65 17.05 -16.53 16.37
C THR D 65 15.95 -16.94 17.32
N LEU D 66 14.72 -16.79 16.85
CA LEU D 66 13.54 -17.21 17.61
C LEU D 66 13.51 -18.72 17.75
N PHE D 67 13.57 -19.41 16.61
CA PHE D 67 13.57 -20.86 16.54
C PHE D 67 14.60 -21.41 17.51
N GLU D 68 15.73 -20.73 17.56
CA GLU D 68 16.81 -21.10 18.45
C GLU D 68 16.34 -21.03 19.89
N MET D 69 15.94 -19.84 20.32
CA MET D 69 15.69 -19.61 21.74
C MET D 69 14.42 -20.30 22.21
N PHE D 70 13.55 -20.62 21.26
CA PHE D 70 12.33 -21.31 21.64
C PHE D 70 12.58 -22.78 21.91
N GLU D 71 13.32 -23.43 21.01
CA GLU D 71 13.65 -24.83 21.19
C GLU D 71 14.38 -24.93 22.50
N GLY D 72 15.09 -23.86 22.84
CA GLY D 72 15.63 -23.68 24.18
C GLY D 72 14.55 -23.85 25.23
N LYS D 73 13.44 -23.14 25.10
CA LYS D 73 12.36 -23.25 26.07
C LYS D 73 11.83 -24.68 26.11
N LEU D 74 11.78 -25.32 24.94
CA LEU D 74 11.31 -26.69 24.87
C LEU D 74 12.17 -27.60 25.73
N GLU D 75 13.46 -27.62 25.42
CA GLU D 75 14.41 -28.49 26.10
C GLU D 75 14.39 -28.21 27.59
N GLU D 76 14.26 -26.94 27.95
CA GLU D 76 14.15 -26.54 29.35
C GLU D 76 12.89 -27.15 29.94
N TYR D 77 11.80 -26.99 29.22
CA TYR D 77 10.48 -27.40 29.69
C TYR D 77 10.00 -28.77 29.21
N ASN D 78 10.92 -29.51 28.57
CA ASN D 78 10.67 -30.91 28.22
C ASN D 78 9.55 -31.10 27.19
N GLY D 79 9.51 -30.22 26.22
CA GLY D 79 8.53 -30.33 25.16
C GLY D 79 7.10 -30.10 25.62
N ASN D 80 6.94 -29.27 26.64
CA ASN D 80 5.61 -28.80 27.00
C ASN D 80 5.39 -27.51 26.24
N LEU D 81 4.53 -27.57 25.23
CA LEU D 81 4.34 -26.44 24.33
C LEU D 81 3.74 -25.28 25.10
N GLN D 82 2.89 -25.61 26.07
CA GLN D 82 2.23 -24.61 26.87
C GLN D 82 3.22 -23.73 27.64
N ARG D 83 4.09 -24.33 28.44
CA ARG D 83 5.01 -23.55 29.27
C ARG D 83 6.15 -22.94 28.47
N ALA D 84 6.62 -23.66 27.46
CA ALA D 84 7.73 -23.17 26.64
C ALA D 84 7.39 -21.89 25.89
N ALA D 85 6.21 -21.88 25.27
CA ALA D 85 5.74 -20.73 24.49
C ALA D 85 5.57 -19.51 25.36
N VAL D 86 5.10 -19.74 26.59
CA VAL D 86 4.99 -18.69 27.58
C VAL D 86 6.37 -18.12 27.87
N GLU D 87 7.29 -18.99 28.26
CA GLU D 87 8.66 -18.59 28.56
C GLU D 87 9.33 -17.98 27.34
N MET D 88 8.90 -18.44 26.17
CA MET D 88 9.33 -17.88 24.89
C MET D 88 8.83 -16.44 24.74
N ALA D 89 7.51 -16.26 24.85
CA ALA D 89 6.89 -14.95 24.69
C ALA D 89 7.44 -13.94 25.69
N LYS D 90 7.73 -14.42 26.89
CA LYS D 90 8.37 -13.61 27.91
C LYS D 90 9.70 -13.09 27.42
N GLN D 91 10.56 -14.01 26.97
CA GLN D 91 11.90 -13.68 26.51
C GLN D 91 11.88 -12.83 25.23
N TRP D 92 10.84 -13.01 24.43
CA TRP D 92 10.64 -12.19 23.24
C TRP D 92 10.37 -10.75 23.67
N ARG D 93 9.43 -10.61 24.60
CA ARG D 93 9.02 -9.34 25.16
C ARG D 93 10.18 -8.60 25.84
N GLY D 94 11.21 -9.34 26.20
CA GLY D 94 12.35 -8.75 26.88
C GLY D 94 13.31 -8.01 25.96
N ASP D 95 13.56 -8.61 24.79
CA ASP D 95 14.58 -8.12 23.86
C ASP D 95 14.22 -6.79 23.22
N LYS D 96 15.13 -5.82 23.35
CA LYS D 96 14.96 -4.49 22.75
C LYS D 96 14.74 -4.55 21.23
N MET D 97 15.57 -5.31 20.53
CA MET D 97 15.50 -5.36 19.07
C MET D 97 14.38 -6.27 18.57
N LEU D 98 14.03 -7.27 19.37
CA LEU D 98 13.03 -8.27 18.99
C LEU D 98 11.55 -7.95 19.20
N ARG D 99 11.22 -7.22 20.27
CA ARG D 99 9.83 -6.82 20.54
C ARG D 99 9.27 -6.17 19.29
N GLN D 100 10.19 -5.52 18.57
CA GLN D 100 9.88 -4.75 17.37
C GLN D 100 9.19 -5.55 16.27
N LEU D 101 9.47 -6.85 16.19
CA LEU D 101 9.01 -7.63 15.05
C LEU D 101 7.49 -7.77 15.08
N GLU D 102 6.84 -7.32 14.00
CA GLU D 102 5.38 -7.40 13.93
C GLU D 102 4.94 -8.80 13.46
N ALA D 103 5.86 -9.52 12.82
CA ALA D 103 5.59 -10.88 12.39
C ALA D 103 5.45 -11.75 13.61
N MET D 104 4.76 -12.87 13.47
CA MET D 104 4.55 -13.73 14.62
C MET D 104 4.97 -15.15 14.35
N LEU D 105 4.81 -15.96 15.38
CA LEU D 105 5.26 -17.34 15.35
C LEU D 105 4.13 -18.31 15.69
N ILE D 106 4.00 -19.34 14.87
CA ILE D 106 3.12 -20.46 15.21
C ILE D 106 4.01 -21.60 15.67
N VAL D 107 3.52 -22.37 16.64
CA VAL D 107 4.17 -23.61 17.02
C VAL D 107 3.09 -24.66 17.18
N MET D 108 3.40 -25.90 16.82
CA MET D 108 2.48 -26.96 17.18
C MET D 108 3.17 -28.29 17.31
N ASP D 109 2.59 -29.15 18.14
CA ASP D 109 3.02 -30.53 18.21
C ASP D 109 1.80 -31.41 18.00
N LYS D 110 1.98 -32.70 18.22
CA LYS D 110 0.88 -33.65 18.20
C LYS D 110 -0.33 -33.18 19.00
N THR D 111 -0.06 -32.58 20.17
CA THR D 111 -1.12 -32.24 21.09
C THR D 111 -1.86 -30.94 20.76
N THR D 112 -1.11 -29.90 20.40
CA THR D 112 -1.72 -28.59 20.28
C THR D 112 -0.93 -27.59 19.45
N MET D 113 -1.47 -26.39 19.34
CA MET D 113 -0.84 -25.29 18.61
C MET D 113 -1.04 -23.94 19.29
N LEU D 114 -0.06 -23.07 19.12
CA LEU D 114 -0.07 -21.76 19.75
C LEU D 114 0.42 -20.68 18.80
N LEU D 115 0.18 -19.44 19.18
CA LEU D 115 0.64 -18.33 18.41
C LEU D 115 1.39 -17.39 19.36
N VAL D 116 2.62 -17.04 19.00
CA VAL D 116 3.44 -16.19 19.86
C VAL D 116 3.82 -14.91 19.14
N SER D 117 3.74 -13.79 19.84
CA SER D 117 4.04 -12.48 19.26
C SER D 117 5.08 -11.77 20.09
N GLY D 118 5.70 -10.74 19.50
CA GLY D 118 6.67 -9.94 20.21
C GLY D 118 6.06 -9.03 21.26
N THR D 119 4.73 -8.99 21.31
CA THR D 119 4.03 -8.22 22.32
C THR D 119 3.81 -9.05 23.58
N GLY D 120 4.29 -10.29 23.57
CA GLY D 120 4.17 -11.17 24.71
C GLY D 120 2.84 -11.89 24.73
N GLU D 121 2.20 -11.98 23.56
CA GLU D 121 0.94 -12.68 23.45
C GLU D 121 1.15 -14.16 23.16
N VAL D 122 0.31 -15.00 23.74
CA VAL D 122 0.27 -16.41 23.41
C VAL D 122 -1.17 -16.87 23.26
N ILE D 123 -1.52 -17.35 22.07
CA ILE D 123 -2.90 -17.70 21.74
C ILE D 123 -3.08 -19.13 21.26
N GLU D 124 -4.02 -19.84 21.89
CA GLU D 124 -4.41 -21.17 21.45
C GLU D 124 -5.83 -21.15 20.89
N PRO D 125 -6.02 -21.59 19.65
CA PRO D 125 -7.32 -21.53 18.99
C PRO D 125 -8.26 -22.59 19.52
N ASP D 126 -9.57 -22.34 19.40
CA ASP D 126 -10.59 -23.30 19.84
C ASP D 126 -10.87 -24.35 18.80
N ASP D 127 -10.74 -23.96 17.53
CA ASP D 127 -11.07 -24.81 16.41
C ASP D 127 -9.85 -25.53 15.89
N GLY D 128 -8.72 -25.36 16.57
CA GLY D 128 -7.48 -26.01 16.16
C GLY D 128 -7.00 -25.52 14.81
N ILE D 129 -7.37 -24.31 14.44
CA ILE D 129 -6.87 -23.68 13.23
C ILE D 129 -6.20 -22.35 13.57
N LEU D 130 -4.99 -22.16 13.04
CA LEU D 130 -4.25 -20.91 13.20
C LEU D 130 -3.72 -20.49 11.84
N ALA D 131 -3.77 -19.20 11.55
CA ALA D 131 -3.19 -18.70 10.32
C ALA D 131 -2.61 -17.30 10.56
N ILE D 132 -1.41 -17.07 10.05
CA ILE D 132 -0.80 -15.74 10.15
C ILE D 132 -0.30 -15.27 8.79
N GLY D 133 0.35 -14.11 8.78
CA GLY D 133 0.94 -13.60 7.56
C GLY D 133 0.00 -12.72 6.79
N SER D 134 0.49 -12.17 5.68
CA SER D 134 -0.27 -11.22 4.87
C SER D 134 -1.68 -11.70 4.55
N GLY D 135 -1.82 -13.00 4.28
CA GLY D 135 -3.10 -13.55 3.91
C GLY D 135 -3.77 -14.47 4.91
N GLY D 136 -3.29 -14.46 6.16
CA GLY D 136 -3.77 -15.38 7.17
C GLY D 136 -5.28 -15.43 7.29
N ASN D 137 -5.92 -14.27 7.29
CA ASN D 137 -7.36 -14.16 7.45
C ASN D 137 -8.20 -14.89 6.39
N TYR D 138 -7.79 -14.79 5.12
CA TYR D 138 -8.49 -15.48 4.05
C TYR D 138 -8.28 -16.98 4.22
N ALA D 139 -7.07 -17.33 4.62
CA ALA D 139 -6.71 -18.71 4.90
C ALA D 139 -7.53 -19.27 6.04
N LEU D 140 -7.69 -18.47 7.07
CA LEU D 140 -8.44 -18.88 8.24
C LEU D 140 -9.91 -19.09 7.88
N SER D 141 -10.43 -18.21 7.03
CA SER D 141 -11.80 -18.31 6.59
C SER D 141 -12.00 -19.60 5.81
N ALA D 142 -11.04 -19.91 4.94
CA ALA D 142 -11.12 -21.11 4.13
C ALA D 142 -11.11 -22.41 4.95
N GLY D 143 -10.14 -22.53 5.85
CA GLY D 143 -9.94 -23.74 6.63
C GLY D 143 -11.10 -24.09 7.54
N ARG D 144 -11.54 -23.11 8.32
CA ARG D 144 -12.67 -23.28 9.21
C ARG D 144 -13.88 -23.80 8.45
N ALA D 145 -14.17 -23.14 7.33
CA ALA D 145 -15.27 -23.51 6.48
C ALA D 145 -15.18 -24.99 6.17
N LEU D 146 -14.02 -25.40 5.68
CA LEU D 146 -13.80 -26.80 5.37
C LEU D 146 -13.89 -27.67 6.62
N LYS D 147 -13.03 -27.42 7.59
CA LYS D 147 -13.00 -28.27 8.78
C LYS D 147 -14.36 -28.42 9.45
N GLN D 148 -15.09 -27.34 9.61
CA GLN D 148 -16.38 -27.44 10.27
C GLN D 148 -17.41 -28.09 9.37
N TYR D 149 -17.56 -27.55 8.17
CA TYR D 149 -18.61 -28.00 7.27
C TYR D 149 -18.28 -29.26 6.46
N ALA D 150 -17.06 -29.34 5.97
CA ALA D 150 -16.61 -30.42 5.09
C ALA D 150 -15.96 -31.58 5.85
N SER D 151 -16.11 -31.57 7.17
CA SER D 151 -15.22 -32.26 8.10
C SER D 151 -14.75 -33.65 7.70
N GLU D 152 -15.64 -34.48 7.15
CA GLU D 152 -15.26 -35.86 6.85
C GLU D 152 -14.77 -36.09 5.42
N HIS D 153 -14.81 -35.06 4.59
CA HIS D 153 -14.38 -35.20 3.19
C HIS D 153 -12.95 -34.77 2.92
N LEU D 154 -12.21 -34.34 3.95
CA LEU D 154 -10.87 -33.79 3.73
C LEU D 154 -9.87 -34.08 4.84
N THR D 155 -8.60 -34.25 4.45
CA THR D 155 -7.52 -34.40 5.42
C THR D 155 -6.96 -33.04 5.84
N ALA D 156 -6.02 -33.06 6.79
CA ALA D 156 -5.41 -31.82 7.23
C ALA D 156 -4.52 -31.29 6.12
N LYS D 157 -3.71 -32.18 5.55
CA LYS D 157 -2.83 -31.85 4.42
C LYS D 157 -3.65 -31.21 3.32
N GLN D 158 -4.85 -31.73 3.10
CA GLN D 158 -5.72 -31.20 2.06
C GLN D 158 -6.42 -29.92 2.51
N ILE D 159 -6.76 -29.82 3.78
CA ILE D 159 -7.32 -28.57 4.28
C ILE D 159 -6.26 -27.48 4.26
N ALA D 160 -5.09 -27.79 4.82
CA ALA D 160 -4.00 -26.84 4.88
C ALA D 160 -3.58 -26.34 3.49
N LYS D 161 -3.29 -27.28 2.60
CA LYS D 161 -2.87 -26.97 1.23
C LYS D 161 -3.88 -26.05 0.56
N ALA D 162 -5.15 -26.41 0.70
CA ALA D 162 -6.25 -25.65 0.13
C ALA D 162 -6.30 -24.24 0.68
N SER D 163 -6.29 -24.14 2.01
CA SER D 163 -6.38 -22.86 2.68
C SER D 163 -5.34 -21.90 2.15
N LEU D 164 -4.18 -22.41 1.78
CA LEU D 164 -3.17 -21.54 1.22
C LEU D 164 -3.40 -21.25 -0.25
N GLU D 165 -4.20 -22.08 -0.90
CA GLU D 165 -4.54 -21.79 -2.29
C GLU D 165 -5.54 -20.66 -2.39
N ILE D 166 -6.61 -20.74 -1.60
CA ILE D 166 -7.66 -19.73 -1.61
C ILE D 166 -7.11 -18.35 -1.31
N ALA D 167 -6.38 -18.26 -0.21
CA ALA D 167 -5.69 -17.04 0.14
C ALA D 167 -4.75 -16.67 -1.01
N GLY D 168 -4.13 -17.68 -1.62
CA GLY D 168 -3.29 -17.44 -2.78
C GLY D 168 -4.03 -16.75 -3.92
N ASP D 169 -5.33 -17.03 -4.01
CA ASP D 169 -6.21 -16.38 -4.99
C ASP D 169 -6.75 -15.02 -4.56
N ILE D 170 -7.09 -14.89 -3.28
CA ILE D 170 -7.58 -13.62 -2.77
C ILE D 170 -6.43 -12.63 -2.64
N CYS D 171 -5.30 -13.09 -2.13
CA CYS D 171 -4.23 -12.17 -1.73
C CYS D 171 -3.05 -11.95 -2.67
N VAL D 172 -2.65 -10.70 -2.70
CA VAL D 172 -1.61 -10.19 -3.57
C VAL D 172 -0.24 -10.56 -3.03
N TYR D 173 -0.15 -10.71 -1.70
CA TYR D 173 1.13 -10.98 -1.04
C TYR D 173 1.39 -12.46 -0.76
N THR D 174 0.49 -13.30 -1.24
CA THR D 174 0.62 -14.75 -1.07
C THR D 174 0.66 -15.43 -2.43
N ASN D 175 1.64 -16.31 -2.64
CA ASN D 175 1.76 -17.01 -3.91
C ASN D 175 1.35 -18.47 -3.86
N HIS D 176 1.53 -19.15 -4.98
CA HIS D 176 1.10 -20.52 -5.12
C HIS D 176 2.19 -21.58 -4.94
N ASN D 177 3.41 -21.18 -4.61
CA ASN D 177 4.40 -22.18 -4.23
C ASN D 177 4.19 -22.44 -2.75
N ILE D 178 3.76 -23.66 -2.43
CA ILE D 178 3.24 -23.94 -1.10
C ILE D 178 3.93 -25.14 -0.47
N ILE D 179 4.70 -24.92 0.60
CA ILE D 179 5.37 -26.03 1.27
C ILE D 179 4.49 -26.55 2.40
N VAL D 180 4.36 -27.86 2.48
CA VAL D 180 3.49 -28.48 3.46
C VAL D 180 4.26 -29.48 4.30
N GLU D 181 4.16 -29.32 5.61
CA GLU D 181 4.73 -30.29 6.52
C GLU D 181 3.62 -30.89 7.35
N GLU D 182 3.88 -32.05 7.90
CA GLU D 182 2.89 -32.74 8.69
C GLU D 182 3.54 -33.42 9.86
N LEU D 183 2.80 -33.55 10.95
CA LEU D 183 3.23 -34.36 12.08
C LEU D 183 2.37 -35.61 12.12
N ASN E 6 18.51 12.84 0.46
CA ASN E 6 18.23 13.33 -0.88
C ASN E 6 19.24 12.78 -1.87
N PHE E 7 19.88 11.68 -1.52
CA PHE E 7 20.84 11.05 -2.41
C PHE E 7 20.24 9.83 -3.09
N HIS E 8 20.65 9.58 -4.33
CA HIS E 8 20.13 8.45 -5.07
C HIS E 8 21.21 7.43 -5.44
N ALA E 9 20.98 6.20 -4.99
CA ALA E 9 21.92 5.12 -5.15
C ALA E 9 22.23 4.87 -6.62
N THR E 10 23.44 4.40 -6.90
CA THR E 10 23.74 3.92 -8.23
C THR E 10 22.98 2.61 -8.39
N THR E 11 23.04 2.01 -9.57
CA THR E 11 22.28 0.78 -9.82
C THR E 11 23.24 -0.39 -9.99
N ILE E 12 22.95 -1.51 -9.33
CA ILE E 12 23.80 -2.70 -9.37
C ILE E 12 22.98 -3.94 -9.74
N PHE E 13 23.54 -4.77 -10.64
CA PHE E 13 22.83 -5.94 -11.17
C PHE E 13 23.73 -7.18 -11.18
N ALA E 14 23.22 -8.30 -10.69
CA ALA E 14 23.99 -9.55 -10.72
C ALA E 14 23.23 -10.69 -11.37
N VAL E 15 23.96 -11.54 -12.08
CA VAL E 15 23.38 -12.67 -12.78
C VAL E 15 24.31 -13.90 -12.76
N HIS E 16 23.72 -15.06 -12.54
CA HIS E 16 24.37 -16.34 -12.75
C HIS E 16 23.78 -16.89 -14.03
N HIS E 17 24.58 -17.03 -15.08
CA HIS E 17 24.04 -17.56 -16.33
C HIS E 17 24.97 -18.53 -17.07
N ASN E 18 24.43 -19.71 -17.40
CA ASN E 18 25.15 -20.72 -18.15
C ASN E 18 26.56 -20.96 -17.63
N GLY E 19 26.68 -21.21 -16.34
CA GLY E 19 27.96 -21.59 -15.76
C GLY E 19 28.91 -20.43 -15.53
N GLU E 20 28.47 -19.22 -15.83
CA GLU E 20 29.28 -18.04 -15.56
C GLU E 20 28.55 -17.07 -14.68
N CYS E 21 29.27 -16.10 -14.13
CA CYS E 21 28.65 -15.06 -13.33
C CYS E 21 29.20 -13.67 -13.62
N ALA E 22 28.35 -12.66 -13.48
CA ALA E 22 28.74 -11.27 -13.66
C ALA E 22 28.00 -10.38 -12.68
N MET E 23 28.67 -9.33 -12.23
CA MET E 23 28.04 -8.27 -11.44
C MET E 23 28.44 -6.91 -12.01
N ALA E 24 27.45 -6.06 -12.25
CA ALA E 24 27.70 -4.78 -12.91
C ALA E 24 26.99 -3.63 -12.21
N GLY E 25 27.45 -2.41 -12.46
CA GLY E 25 26.87 -1.23 -11.86
C GLY E 25 27.05 0.01 -12.71
N ASP E 26 26.17 1.00 -12.52
CA ASP E 26 26.29 2.25 -13.28
C ASP E 26 27.11 3.25 -12.50
N GLY E 27 27.37 4.40 -13.08
CA GLY E 27 28.18 5.40 -12.42
C GLY E 27 27.47 6.63 -11.90
N GLN E 28 26.18 6.75 -12.19
CA GLN E 28 25.46 7.98 -11.88
C GLN E 28 25.13 8.16 -10.40
N VAL E 29 25.57 9.27 -9.84
CA VAL E 29 25.18 9.63 -8.50
C VAL E 29 24.40 10.94 -8.53
N THR E 30 23.15 10.86 -8.09
CA THR E 30 22.24 11.99 -8.17
C THR E 30 22.08 12.65 -6.80
N MET E 31 22.34 13.95 -6.73
CA MET E 31 22.12 14.67 -5.49
C MET E 31 20.86 15.49 -5.60
N GLY E 32 20.09 15.55 -4.52
CA GLY E 32 18.75 16.09 -4.61
C GLY E 32 17.98 15.11 -5.46
N ASN E 33 16.72 15.37 -5.70
CA ASN E 33 16.03 14.53 -6.66
C ASN E 33 16.46 14.91 -8.07
N ALA E 34 16.97 16.13 -8.22
CA ALA E 34 17.27 16.71 -9.54
C ALA E 34 18.69 16.67 -10.13
N VAL E 35 19.71 16.32 -9.37
CA VAL E 35 21.07 16.73 -9.80
C VAL E 35 22.20 15.69 -9.78
N VAL E 36 22.98 15.64 -10.86
CA VAL E 36 24.11 14.72 -10.95
C VAL E 36 25.50 15.38 -10.90
N MET E 37 26.37 14.82 -10.07
CA MET E 37 27.77 15.26 -9.92
C MET E 37 28.71 14.21 -10.49
N LYS E 38 28.65 13.01 -9.93
CA LYS E 38 29.47 11.87 -10.37
C LYS E 38 28.89 11.14 -11.58
N HIS E 39 29.76 10.78 -12.52
CA HIS E 39 29.41 9.87 -13.61
C HIS E 39 29.88 8.43 -13.42
N THR E 40 30.64 8.17 -12.37
CA THR E 40 31.30 6.88 -12.17
C THR E 40 31.71 6.65 -10.70
N ALA E 41 32.02 5.40 -10.33
CA ALA E 41 32.50 5.07 -8.97
C ALA E 41 33.10 3.67 -8.85
N ARG E 42 33.51 3.24 -7.65
CA ARG E 42 33.71 1.82 -7.38
C ARG E 42 32.80 1.29 -6.28
N LYS E 43 31.63 0.76 -6.67
CA LYS E 43 30.66 0.23 -5.71
C LYS E 43 30.51 -1.30 -5.67
N VAL E 44 31.17 -1.98 -6.60
CA VAL E 44 31.10 -3.43 -6.64
C VAL E 44 32.52 -3.96 -6.48
N ARG E 45 32.77 -4.59 -5.35
CA ARG E 45 34.13 -4.86 -4.97
C ARG E 45 34.31 -6.35 -4.76
N LYS E 46 35.34 -6.90 -5.38
CA LYS E 46 35.68 -8.30 -5.18
C LYS E 46 36.20 -8.46 -3.76
N LEU E 47 35.66 -9.45 -3.06
CA LEU E 47 36.10 -9.74 -1.71
C LEU E 47 36.80 -11.09 -1.62
N PHE E 48 37.20 -11.47 -0.41
CA PHE E 48 37.70 -12.80 -0.11
C PHE E 48 38.78 -13.27 -1.07
N GLN E 49 39.73 -12.39 -1.34
CA GLN E 49 40.78 -12.63 -2.32
C GLN E 49 40.17 -13.03 -3.66
N GLY E 50 39.24 -12.21 -4.11
CA GLY E 50 38.64 -12.35 -5.43
C GLY E 50 37.69 -13.51 -5.60
N LYS E 51 37.41 -14.25 -4.53
CA LYS E 51 36.55 -15.41 -4.66
C LYS E 51 35.05 -15.10 -4.68
N VAL E 52 34.68 -13.94 -4.12
CA VAL E 52 33.29 -13.50 -4.11
C VAL E 52 33.13 -12.08 -4.65
N LEU E 53 31.98 -11.80 -5.25
CA LEU E 53 31.67 -10.46 -5.69
C LEU E 53 30.60 -9.84 -4.79
N ALA E 54 30.74 -8.54 -4.53
CA ALA E 54 29.80 -7.83 -3.69
C ALA E 54 29.60 -6.41 -4.18
N GLY E 55 28.39 -5.90 -4.01
CA GLY E 55 28.13 -4.51 -4.31
C GLY E 55 27.02 -4.02 -3.42
N PHE E 56 27.05 -2.72 -3.16
CA PHE E 56 26.11 -2.09 -2.24
C PHE E 56 25.77 -0.73 -2.81
N ALA E 57 24.48 -0.40 -2.83
CA ALA E 57 24.00 0.78 -3.55
C ALA E 57 24.23 2.12 -2.84
N GLY E 58 24.43 2.07 -1.53
CA GLY E 58 24.47 3.29 -0.73
C GLY E 58 25.79 4.01 -0.66
N SER E 59 26.01 4.68 0.48
CA SER E 59 27.18 5.52 0.68
C SER E 59 28.46 4.72 0.67
N VAL E 60 29.54 5.39 0.33
CA VAL E 60 30.84 4.74 0.28
C VAL E 60 31.24 4.26 1.66
N ALA E 61 31.04 5.10 2.67
CA ALA E 61 31.45 4.78 4.03
C ALA E 61 30.69 3.59 4.60
N ASP E 62 29.37 3.59 4.42
CA ASP E 62 28.57 2.44 4.80
C ASP E 62 29.10 1.18 4.12
N ALA E 63 29.28 1.26 2.81
CA ALA E 63 29.76 0.14 2.03
C ALA E 63 31.00 -0.47 2.65
N PHE E 64 32.03 0.37 2.81
CA PHE E 64 33.32 -0.12 3.24
C PHE E 64 33.24 -0.69 4.64
N THR E 65 32.28 -0.22 5.41
CA THR E 65 32.01 -0.84 6.68
C THR E 65 31.50 -2.24 6.42
N LEU E 66 30.43 -2.31 5.64
CA LEU E 66 29.76 -3.57 5.36
C LEU E 66 30.70 -4.57 4.72
N PHE E 67 31.31 -4.17 3.60
CA PHE E 67 32.17 -5.06 2.82
C PHE E 67 33.18 -5.74 3.71
N GLU E 68 33.92 -4.93 4.46
CA GLU E 68 34.94 -5.43 5.35
C GLU E 68 34.30 -6.30 6.44
N MET E 69 33.13 -5.88 6.92
CA MET E 69 32.41 -6.65 7.93
C MET E 69 32.07 -8.06 7.46
N PHE E 70 31.50 -8.16 6.27
CA PHE E 70 31.11 -9.45 5.69
C PHE E 70 32.32 -10.26 5.26
N GLU E 71 33.32 -9.54 4.75
CA GLU E 71 34.60 -10.15 4.43
C GLU E 71 35.14 -10.82 5.68
N GLY E 72 34.85 -10.20 6.82
CA GLY E 72 35.15 -10.81 8.11
C GLY E 72 34.42 -12.12 8.29
N LYS E 73 33.09 -12.09 8.14
CA LYS E 73 32.25 -13.28 8.32
C LYS E 73 32.74 -14.47 7.50
N LEU E 74 33.09 -14.22 6.23
CA LEU E 74 33.55 -15.26 5.32
C LEU E 74 34.78 -16.00 5.87
N GLU E 75 35.77 -15.23 6.26
CA GLU E 75 36.96 -15.77 6.84
C GLU E 75 36.55 -16.64 8.02
N GLU E 76 35.78 -16.06 8.93
CA GLU E 76 35.31 -16.77 10.12
C GLU E 76 34.73 -18.11 9.74
N TYR E 77 33.85 -18.09 8.75
CA TYR E 77 33.05 -19.26 8.42
C TYR E 77 33.64 -20.12 7.30
N ASN E 78 34.87 -19.78 6.91
CA ASN E 78 35.61 -20.55 5.92
C ASN E 78 34.90 -20.54 4.59
N GLY E 79 34.53 -19.35 4.15
CA GLY E 79 34.07 -19.15 2.79
C GLY E 79 32.67 -19.60 2.48
N ASN E 80 31.94 -20.07 3.49
CA ASN E 80 30.59 -20.54 3.23
C ASN E 80 29.77 -19.28 3.00
N LEU E 81 29.22 -19.13 1.80
CA LEU E 81 28.56 -17.89 1.44
C LEU E 81 27.27 -17.79 2.23
N GLN E 82 26.55 -18.91 2.29
CA GLN E 82 25.25 -18.95 2.92
C GLN E 82 25.30 -18.72 4.42
N ARG E 83 26.23 -19.37 5.09
CA ARG E 83 26.31 -19.23 6.54
C ARG E 83 26.89 -17.87 6.92
N ALA E 84 27.77 -17.34 6.08
CA ALA E 84 28.36 -16.02 6.31
C ALA E 84 27.31 -14.92 6.23
N ALA E 85 26.49 -14.99 5.19
CA ALA E 85 25.43 -14.02 4.96
C ALA E 85 24.57 -13.88 6.19
N VAL E 86 24.16 -15.00 6.78
CA VAL E 86 23.26 -14.96 7.90
C VAL E 86 23.86 -14.28 9.13
N GLU E 87 25.11 -14.59 9.43
CA GLU E 87 25.75 -13.97 10.59
C GLU E 87 26.02 -12.49 10.37
N MET E 88 26.24 -12.12 9.12
CA MET E 88 26.31 -10.72 8.74
C MET E 88 24.97 -10.04 9.03
N ALA E 89 23.91 -10.58 8.44
CA ALA E 89 22.56 -10.03 8.60
C ALA E 89 22.18 -9.92 10.06
N LYS E 90 22.41 -10.99 10.81
CA LYS E 90 22.15 -10.98 12.25
C LYS E 90 22.95 -9.85 12.89
N GLN E 91 24.18 -9.66 12.42
CA GLN E 91 25.03 -8.59 12.93
C GLN E 91 24.60 -7.23 12.43
N TRP E 92 24.33 -7.15 11.13
CA TRP E 92 23.83 -5.93 10.50
C TRP E 92 22.60 -5.42 11.26
N ARG E 93 21.59 -6.28 11.40
CA ARG E 93 20.39 -5.92 12.14
C ARG E 93 20.70 -5.68 13.61
N GLY E 94 21.79 -6.27 14.10
CA GLY E 94 22.21 -6.08 15.47
C GLY E 94 22.56 -4.63 15.74
N ASP E 95 23.49 -4.09 14.96
CA ASP E 95 23.93 -2.70 15.14
C ASP E 95 22.77 -1.75 14.91
N LYS E 96 22.53 -0.87 15.88
CA LYS E 96 21.38 0.03 15.84
C LYS E 96 21.59 1.26 14.97
N MET E 97 22.85 1.51 14.58
CA MET E 97 23.15 2.56 13.61
C MET E 97 22.97 2.09 12.15
N LEU E 98 23.42 0.87 11.85
CA LEU E 98 23.33 0.33 10.49
C LEU E 98 21.97 -0.24 10.17
N ARG E 99 21.32 -0.82 11.18
CA ARG E 99 20.06 -1.53 10.98
C ARG E 99 19.05 -0.64 10.29
N GLN E 100 19.31 0.65 10.37
CA GLN E 100 18.45 1.66 9.79
C GLN E 100 18.66 1.78 8.27
N LEU E 101 19.71 1.15 7.77
CA LEU E 101 19.99 1.26 6.33
C LEU E 101 18.94 0.54 5.50
N GLU E 102 18.32 1.31 4.61
CA GLU E 102 17.32 0.80 3.71
C GLU E 102 18.00 0.06 2.57
N ALA E 103 19.17 0.54 2.17
CA ALA E 103 19.87 -0.02 1.03
C ALA E 103 20.27 -1.43 1.35
N MET E 104 20.49 -2.23 0.33
CA MET E 104 20.76 -3.63 0.54
C MET E 104 22.02 -4.09 -0.14
N LEU E 105 22.45 -5.28 0.24
CA LEU E 105 23.70 -5.83 -0.23
C LEU E 105 23.47 -7.09 -1.06
N ILE E 106 24.13 -7.18 -2.20
CA ILE E 106 24.22 -8.42 -2.97
C ILE E 106 25.59 -9.02 -2.78
N VAL E 107 25.63 -10.28 -2.40
CA VAL E 107 26.89 -10.99 -2.38
C VAL E 107 26.83 -12.15 -3.36
N MET E 108 27.96 -12.49 -3.94
CA MET E 108 27.97 -13.47 -5.01
C MET E 108 29.24 -14.31 -4.98
N ASP E 109 29.10 -15.61 -5.19
CA ASP E 109 30.25 -16.44 -5.51
C ASP E 109 29.97 -17.20 -6.79
N LYS E 110 30.84 -18.14 -7.17
CA LYS E 110 30.63 -18.95 -8.38
C LYS E 110 29.45 -19.91 -8.32
N THR E 111 28.84 -20.07 -7.15
CA THR E 111 27.76 -21.03 -6.98
C THR E 111 26.40 -20.37 -6.86
N THR E 112 26.23 -19.58 -5.80
CA THR E 112 24.95 -18.92 -5.53
C THR E 112 25.15 -17.42 -5.27
N MET E 113 24.04 -16.68 -5.22
CA MET E 113 24.08 -15.26 -4.86
C MET E 113 23.04 -14.93 -3.78
N LEU E 114 23.34 -13.94 -2.96
CA LEU E 114 22.47 -13.60 -1.86
C LEU E 114 22.23 -12.10 -1.73
N LEU E 115 21.04 -11.76 -1.28
CA LEU E 115 20.63 -10.38 -1.12
C LEU E 115 20.42 -10.10 0.36
N VAL E 116 21.13 -9.12 0.90
CA VAL E 116 21.07 -8.87 2.34
C VAL E 116 20.65 -7.46 2.71
N SER E 117 19.73 -7.37 3.66
CA SER E 117 19.15 -6.12 4.07
C SER E 117 19.43 -5.89 5.54
N GLY E 118 19.35 -4.63 5.97
CA GLY E 118 19.52 -4.29 7.36
C GLY E 118 18.45 -4.91 8.25
N THR E 119 17.37 -5.37 7.64
CA THR E 119 16.25 -5.92 8.39
C THR E 119 16.61 -7.29 8.98
N GLY E 120 17.59 -7.95 8.39
CA GLY E 120 17.90 -9.32 8.75
C GLY E 120 17.46 -10.32 7.69
N GLU E 121 16.95 -9.81 6.57
CA GLU E 121 16.54 -10.66 5.46
C GLU E 121 17.75 -11.13 4.64
N VAL E 122 17.77 -12.43 4.34
CA VAL E 122 18.73 -13.00 3.39
C VAL E 122 17.97 -13.76 2.32
N ILE E 123 18.17 -13.40 1.05
CA ILE E 123 17.35 -13.93 -0.03
C ILE E 123 18.17 -14.51 -1.18
N GLU E 124 17.83 -15.73 -1.56
CA GLU E 124 18.45 -16.35 -2.70
C GLU E 124 17.44 -16.37 -3.83
N PRO E 125 17.71 -15.57 -4.87
CA PRO E 125 16.78 -15.46 -5.99
C PRO E 125 16.52 -16.84 -6.55
N ASP E 126 15.33 -17.07 -7.07
CA ASP E 126 15.00 -18.35 -7.65
C ASP E 126 15.67 -18.47 -9.01
N ASP E 127 15.88 -17.32 -9.64
CA ASP E 127 16.38 -17.25 -11.02
C ASP E 127 17.87 -17.00 -11.14
N GLY E 128 18.56 -16.82 -10.01
CA GLY E 128 19.96 -16.43 -10.04
C GLY E 128 20.15 -15.01 -10.54
N ILE E 129 19.22 -14.13 -10.18
CA ILE E 129 19.33 -12.73 -10.54
C ILE E 129 18.94 -11.83 -9.39
N LEU E 130 19.81 -10.87 -9.09
CA LEU E 130 19.53 -9.86 -8.10
C LEU E 130 19.90 -8.49 -8.67
N ALA E 131 19.14 -7.45 -8.30
CA ALA E 131 19.48 -6.05 -8.59
C ALA E 131 19.15 -5.16 -7.40
N ILE E 132 19.96 -4.13 -7.18
CA ILE E 132 19.71 -3.17 -6.11
C ILE E 132 19.89 -1.72 -6.57
N GLY E 133 19.42 -0.77 -5.78
CA GLY E 133 19.63 0.64 -6.09
C GLY E 133 18.54 1.29 -6.93
N SER E 134 18.87 2.41 -7.55
CA SER E 134 17.88 3.30 -8.15
C SER E 134 17.11 2.72 -9.31
N GLY E 135 17.81 2.23 -10.33
CA GLY E 135 17.16 1.60 -11.46
C GLY E 135 16.90 0.13 -11.20
N GLY E 136 16.96 -0.26 -9.93
CA GLY E 136 16.90 -1.66 -9.52
C GLY E 136 15.76 -2.47 -10.11
N ASN E 137 14.57 -1.89 -10.14
CA ASN E 137 13.41 -2.56 -10.70
C ASN E 137 13.57 -2.78 -12.20
N TYR E 138 14.08 -1.77 -12.88
CA TYR E 138 14.18 -1.78 -14.33
C TYR E 138 15.24 -2.76 -14.79
N ALA E 139 16.35 -2.79 -14.08
CA ALA E 139 17.40 -3.75 -14.35
C ALA E 139 16.84 -5.17 -14.24
N LEU E 140 16.25 -5.47 -13.09
CA LEU E 140 15.73 -6.81 -12.81
C LEU E 140 14.77 -7.27 -13.88
N SER E 141 13.94 -6.35 -14.37
CA SER E 141 12.98 -6.68 -15.42
C SER E 141 13.68 -7.05 -16.71
N ALA E 142 14.67 -6.23 -17.10
CA ALA E 142 15.37 -6.46 -18.35
C ALA E 142 16.15 -7.77 -18.33
N GLY E 143 16.87 -7.97 -17.24
CA GLY E 143 17.73 -9.13 -17.10
C GLY E 143 16.94 -10.40 -17.11
N ARG E 144 15.91 -10.48 -16.27
CA ARG E 144 15.04 -11.64 -16.27
C ARG E 144 14.43 -11.84 -17.66
N ALA E 145 14.19 -10.74 -18.37
CA ALA E 145 13.62 -10.84 -19.71
C ALA E 145 14.58 -11.54 -20.64
N LEU E 146 15.84 -11.14 -20.56
CA LEU E 146 16.86 -11.71 -21.43
C LEU E 146 17.28 -13.11 -21.00
N LYS E 147 17.34 -13.36 -19.70
CA LYS E 147 17.71 -14.69 -19.23
C LYS E 147 16.70 -15.73 -19.71
N GLN E 148 15.41 -15.42 -19.61
CA GLN E 148 14.38 -16.40 -19.97
C GLN E 148 14.06 -16.51 -21.45
N TYR E 149 13.99 -15.39 -22.15
CA TYR E 149 13.68 -15.45 -23.58
C TYR E 149 14.85 -15.29 -24.55
N ALA E 150 15.98 -14.80 -24.05
CA ALA E 150 17.19 -14.69 -24.86
C ALA E 150 18.22 -15.77 -24.55
N SER E 151 17.83 -16.74 -23.72
CA SER E 151 18.77 -17.58 -23.00
C SER E 151 19.96 -18.10 -23.80
N GLU E 152 19.69 -18.54 -25.03
CA GLU E 152 20.75 -19.08 -25.88
C GLU E 152 21.74 -18.02 -26.36
N HIS E 153 21.24 -16.81 -26.61
CA HIS E 153 22.00 -15.81 -27.36
C HIS E 153 22.80 -14.82 -26.51
N LEU E 154 22.71 -14.93 -25.19
CA LEU E 154 23.40 -13.99 -24.31
C LEU E 154 24.12 -14.64 -23.15
N THR E 155 25.24 -14.03 -22.76
CA THR E 155 26.03 -14.51 -21.63
C THR E 155 25.73 -13.69 -20.38
N ALA E 156 26.33 -14.09 -19.27
CA ALA E 156 26.17 -13.41 -17.99
C ALA E 156 26.60 -11.95 -18.09
N LYS E 157 27.83 -11.72 -18.51
CA LYS E 157 28.38 -10.38 -18.66
C LYS E 157 27.54 -9.55 -19.63
N GLN E 158 27.10 -10.18 -20.71
CA GLN E 158 26.29 -9.51 -21.72
C GLN E 158 24.99 -9.02 -21.10
N ILE E 159 24.36 -9.90 -20.34
CA ILE E 159 23.09 -9.59 -19.68
C ILE E 159 23.24 -8.49 -18.62
N ALA E 160 24.30 -8.59 -17.82
CA ALA E 160 24.61 -7.54 -16.85
C ALA E 160 24.75 -6.23 -17.59
N LYS E 161 25.51 -6.25 -18.67
CA LYS E 161 25.73 -5.06 -19.46
C LYS E 161 24.41 -4.57 -20.04
N ALA E 162 23.62 -5.51 -20.52
CA ALA E 162 22.37 -5.16 -21.18
C ALA E 162 21.31 -4.66 -20.21
N SER E 163 21.24 -5.28 -19.04
CA SER E 163 20.21 -4.94 -18.08
C SER E 163 20.43 -3.54 -17.60
N LEU E 164 21.65 -3.24 -17.22
CA LEU E 164 21.98 -1.89 -16.79
C LEU E 164 21.91 -0.92 -17.95
N GLU E 165 21.98 -1.44 -19.16
CA GLU E 165 21.86 -0.59 -20.32
C GLU E 165 20.41 -0.15 -20.50
N ILE E 166 19.46 -1.05 -20.23
CA ILE E 166 18.04 -0.73 -20.34
C ILE E 166 17.55 0.23 -19.25
N ALA E 167 17.98 -0.01 -18.01
CA ALA E 167 17.64 0.87 -16.90
C ALA E 167 18.09 2.31 -17.16
N GLY E 168 19.33 2.46 -17.62
CA GLY E 168 19.87 3.76 -17.95
C GLY E 168 19.09 4.47 -19.02
N ASP E 169 18.42 3.70 -19.88
CA ASP E 169 17.54 4.25 -20.91
C ASP E 169 16.24 4.71 -20.30
N ILE E 170 15.84 4.06 -19.22
CA ILE E 170 14.52 4.27 -18.69
C ILE E 170 14.55 5.04 -17.39
N CYS E 171 15.20 4.45 -16.38
CA CYS E 171 15.37 5.11 -15.10
C CYS E 171 16.19 6.37 -15.25
N VAL E 172 15.61 7.45 -14.74
CA VAL E 172 16.18 8.79 -14.78
C VAL E 172 17.42 8.87 -13.90
N TYR E 173 17.51 7.93 -12.95
CA TYR E 173 18.63 7.89 -12.00
C TYR E 173 19.74 6.94 -12.41
N THR E 174 19.62 6.35 -13.59
CA THR E 174 20.64 5.44 -14.08
C THR E 174 21.21 5.95 -15.40
N ASN E 175 22.54 5.92 -15.51
CA ASN E 175 23.23 6.30 -16.73
C ASN E 175 23.94 5.14 -17.41
N HIS E 176 24.71 5.46 -18.43
CA HIS E 176 25.36 4.47 -19.26
C HIS E 176 26.82 4.12 -18.97
N ASN E 177 27.36 4.62 -17.85
CA ASN E 177 28.71 4.24 -17.48
C ASN E 177 28.63 3.00 -16.61
N ILE E 178 29.05 1.88 -17.20
CA ILE E 178 28.78 0.55 -16.64
C ILE E 178 30.04 -0.32 -16.63
N ILE E 179 30.39 -0.84 -15.46
CA ILE E 179 31.55 -1.70 -15.33
C ILE E 179 31.14 -3.10 -14.86
N VAL E 180 31.58 -4.13 -15.58
CA VAL E 180 31.18 -5.48 -15.24
C VAL E 180 32.33 -6.26 -14.60
N GLU E 181 32.03 -6.93 -13.49
CA GLU E 181 33.00 -7.78 -12.81
C GLU E 181 32.58 -9.22 -12.95
N GLU E 182 33.57 -10.12 -13.03
CA GLU E 182 33.31 -11.55 -13.14
C GLU E 182 34.15 -12.34 -12.14
N LEU E 183 33.74 -13.60 -11.90
CA LEU E 183 34.50 -14.49 -11.05
C LEU E 183 35.19 -15.58 -11.87
N ASN F 6 17.35 26.52 11.76
CA ASN F 6 16.56 27.71 11.50
C ASN F 6 17.19 28.58 10.43
N PHE F 7 18.53 28.61 10.46
CA PHE F 7 19.34 29.43 9.57
C PHE F 7 19.53 28.82 8.20
N HIS F 8 19.89 29.64 7.23
CA HIS F 8 20.08 29.18 5.88
C HIS F 8 21.53 29.14 5.55
N ALA F 9 21.94 28.04 4.95
CA ALA F 9 23.33 27.78 4.66
C ALA F 9 23.89 28.77 3.67
N THR F 10 25.15 29.11 3.89
CA THR F 10 25.90 30.00 3.02
C THR F 10 26.15 29.22 1.77
N THR F 11 26.53 29.89 0.70
CA THR F 11 26.76 29.22 -0.57
C THR F 11 28.23 29.24 -0.97
N ILE F 12 28.79 28.06 -1.22
CA ILE F 12 30.20 27.91 -1.57
C ILE F 12 30.33 27.22 -2.93
N PHE F 13 31.28 27.66 -3.73
CA PHE F 13 31.49 27.14 -5.07
C PHE F 13 32.97 26.83 -5.28
N ALA F 14 33.26 25.70 -5.91
CA ALA F 14 34.65 25.32 -6.18
C ALA F 14 34.84 24.94 -7.62
N VAL F 15 36.01 25.26 -8.16
CA VAL F 15 36.28 24.99 -9.56
C VAL F 15 37.74 24.61 -9.84
N HIS F 16 37.92 23.58 -10.67
CA HIS F 16 39.22 23.27 -11.25
C HIS F 16 39.18 23.73 -12.71
N HIS F 17 39.94 24.75 -13.07
CA HIS F 17 39.95 25.21 -14.46
C HIS F 17 41.34 25.56 -14.98
N ASN F 18 41.70 24.94 -16.10
CA ASN F 18 42.95 25.19 -16.79
C ASN F 18 44.17 25.19 -15.90
N GLY F 19 44.12 24.32 -14.89
CA GLY F 19 45.24 24.13 -13.98
C GLY F 19 45.25 25.01 -12.75
N GLU F 20 44.10 25.58 -12.40
CA GLU F 20 44.03 26.41 -11.20
C GLU F 20 42.76 26.19 -10.39
N CYS F 21 42.90 26.31 -9.08
CA CYS F 21 41.84 25.98 -8.15
C CYS F 21 41.30 27.21 -7.45
N ALA F 22 39.98 27.34 -7.41
CA ALA F 22 39.36 28.44 -6.68
C ALA F 22 38.15 27.95 -5.88
N MET F 23 38.12 28.33 -4.61
CA MET F 23 36.94 28.09 -3.78
C MET F 23 36.46 29.41 -3.23
N ALA F 24 35.18 29.71 -3.43
CA ALA F 24 34.64 31.00 -3.07
C ALA F 24 33.33 30.86 -2.30
N GLY F 25 32.95 31.88 -1.54
CA GLY F 25 31.70 31.85 -0.80
C GLY F 25 31.10 33.23 -0.63
N ASP F 26 29.79 33.31 -0.39
CA ASP F 26 29.16 34.59 -0.13
C ASP F 26 29.07 34.78 1.37
N GLY F 27 28.64 35.95 1.81
CA GLY F 27 28.64 36.23 3.23
C GLY F 27 27.29 36.08 3.91
N GLN F 28 26.22 36.13 3.11
CA GLN F 28 24.86 36.29 3.66
C GLN F 28 24.46 35.19 4.60
N VAL F 29 24.02 35.60 5.79
CA VAL F 29 23.44 34.65 6.73
C VAL F 29 22.02 35.08 7.06
N THR F 30 21.08 34.27 6.61
CA THR F 30 19.66 34.55 6.71
C THR F 30 19.04 33.64 7.78
N MET F 31 18.54 34.23 8.85
CA MET F 31 17.93 33.47 9.95
C MET F 31 16.42 33.60 9.90
N GLY F 32 15.70 32.52 10.13
CA GLY F 32 14.25 32.57 10.02
C GLY F 32 13.90 32.67 8.55
N ASN F 33 12.62 32.55 8.23
CA ASN F 33 12.22 32.50 6.83
C ASN F 33 12.76 33.66 5.99
N ALA F 34 12.46 34.89 6.40
CA ALA F 34 12.85 36.07 5.61
C ALA F 34 14.07 36.89 6.05
N VAL F 35 14.68 36.57 7.17
CA VAL F 35 15.50 37.58 7.84
C VAL F 35 17.01 37.45 7.73
N VAL F 36 17.66 38.48 7.21
CA VAL F 36 19.10 38.42 7.06
C VAL F 36 19.84 39.01 8.24
N MET F 37 20.55 38.16 8.98
CA MET F 37 21.31 38.60 10.15
C MET F 37 22.69 39.14 9.86
N LYS F 38 23.41 38.53 8.93
CA LYS F 38 24.80 38.85 8.70
C LYS F 38 25.08 39.03 7.22
N HIS F 39 25.72 40.14 6.87
CA HIS F 39 26.09 40.44 5.49
C HIS F 39 27.41 39.78 5.06
N THR F 40 28.28 39.46 6.01
CA THR F 40 29.59 38.90 5.69
C THR F 40 29.96 37.73 6.60
N ALA F 41 30.25 36.59 6.00
CA ALA F 41 30.63 35.39 6.74
C ALA F 41 31.89 34.78 6.12
N ARG F 42 32.80 34.25 6.94
CA ARG F 42 33.92 33.45 6.41
C ARG F 42 33.91 31.98 6.92
N LYS F 43 33.37 31.08 6.10
CA LYS F 43 33.37 29.62 6.35
C LYS F 43 34.29 28.73 5.49
N VAL F 44 35.05 29.34 4.58
CA VAL F 44 35.98 28.63 3.71
C VAL F 44 37.40 28.77 4.25
N ARG F 45 38.03 27.65 4.59
CA ARG F 45 39.34 27.67 5.24
C ARG F 45 40.40 26.98 4.39
N LYS F 46 41.64 27.45 4.45
CA LYS F 46 42.77 26.74 3.87
C LYS F 46 43.31 25.80 4.93
N LEU F 47 43.71 24.60 4.52
CA LEU F 47 44.24 23.63 5.46
C LEU F 47 45.48 22.97 4.89
N PHE F 48 46.22 22.28 5.77
CA PHE F 48 47.35 21.49 5.34
C PHE F 48 48.37 22.37 4.66
N GLN F 49 48.99 23.26 5.43
CA GLN F 49 50.01 24.17 4.92
C GLN F 49 49.57 24.98 3.71
N GLY F 50 48.29 25.35 3.68
CA GLY F 50 47.76 26.12 2.57
C GLY F 50 47.74 25.32 1.29
N LYS F 51 47.79 24.00 1.42
CA LYS F 51 47.71 23.12 0.27
C LYS F 51 46.29 22.62 0.01
N VAL F 52 45.38 22.91 0.93
CA VAL F 52 44.04 22.36 0.80
C VAL F 52 42.99 23.43 1.04
N LEU F 53 42.02 23.51 0.15
CA LEU F 53 40.87 24.37 0.37
C LEU F 53 39.67 23.54 0.83
N ALA F 54 38.92 24.10 1.75
CA ALA F 54 37.73 23.44 2.28
C ALA F 54 36.67 24.46 2.62
N GLY F 55 35.41 24.07 2.51
CA GLY F 55 34.35 24.96 2.94
C GLY F 55 33.16 24.17 3.45
N PHE F 56 32.44 24.79 4.37
CA PHE F 56 31.27 24.20 4.99
C PHE F 56 30.21 25.26 5.17
N ALA F 57 29.05 25.04 4.57
CA ALA F 57 28.00 26.05 4.50
C ALA F 57 27.26 26.18 5.82
N GLY F 58 27.48 25.20 6.69
CA GLY F 58 26.77 25.11 7.96
C GLY F 58 27.32 26.04 9.02
N SER F 59 27.04 25.71 10.28
CA SER F 59 27.33 26.62 11.37
C SER F 59 28.82 26.75 11.57
N VAL F 60 29.21 27.85 12.19
CA VAL F 60 30.61 28.17 12.40
C VAL F 60 31.28 27.12 13.28
N ALA F 61 30.63 26.74 14.38
CA ALA F 61 31.19 25.74 15.29
C ALA F 61 31.45 24.45 14.54
N ASP F 62 30.44 23.97 13.84
CA ASP F 62 30.56 22.75 13.07
C ASP F 62 31.68 22.84 12.04
N ALA F 63 31.80 24.01 11.41
CA ALA F 63 32.88 24.23 10.46
C ALA F 63 34.19 23.92 11.14
N PHE F 64 34.35 24.37 12.38
CA PHE F 64 35.58 24.13 13.11
C PHE F 64 35.82 22.64 13.33
N THR F 65 34.87 21.99 13.99
CA THR F 65 34.96 20.56 14.32
C THR F 65 35.29 19.73 13.09
N LEU F 66 34.61 20.02 12.00
CA LEU F 66 34.84 19.30 10.76
C LEU F 66 36.23 19.56 10.21
N PHE F 67 36.54 20.83 9.96
CA PHE F 67 37.85 21.23 9.43
C PHE F 67 38.96 20.66 10.27
N GLU F 68 38.74 20.72 11.58
CA GLU F 68 39.59 20.06 12.55
C GLU F 68 39.69 18.57 12.24
N MET F 69 38.55 17.91 12.18
CA MET F 69 38.50 16.47 11.97
C MET F 69 39.23 16.06 10.69
N PHE F 70 38.99 16.81 9.62
CA PHE F 70 39.52 16.46 8.32
C PHE F 70 41.01 16.71 8.20
N GLU F 71 41.48 17.78 8.82
CA GLU F 71 42.90 18.08 8.72
C GLU F 71 43.70 16.98 9.39
N GLY F 72 43.12 16.36 10.42
CA GLY F 72 43.72 15.20 11.05
C GLY F 72 43.79 14.02 10.10
N LYS F 73 42.72 13.83 9.32
CA LYS F 73 42.69 12.78 8.32
C LYS F 73 43.72 13.01 7.23
N LEU F 74 43.89 14.26 6.84
CA LEU F 74 44.88 14.63 5.83
C LEU F 74 46.27 14.24 6.29
N GLU F 75 46.57 14.51 7.55
CA GLU F 75 47.89 14.27 8.05
C GLU F 75 48.12 12.79 8.30
N GLU F 76 47.15 12.13 8.92
CA GLU F 76 47.22 10.69 9.17
C GLU F 76 47.47 9.96 7.85
N TYR F 77 46.83 10.47 6.81
CA TYR F 77 46.93 9.90 5.48
C TYR F 77 47.93 10.56 4.55
N ASN F 78 48.77 11.42 5.12
CA ASN F 78 49.88 12.01 4.38
C ASN F 78 49.42 12.78 3.17
N GLY F 79 48.41 13.63 3.38
CA GLY F 79 47.94 14.51 2.34
C GLY F 79 47.13 13.83 1.27
N ASN F 80 46.69 12.62 1.55
CA ASN F 80 45.92 11.91 0.55
C ASN F 80 44.49 12.36 0.77
N LEU F 81 44.02 13.16 -0.17
CA LEU F 81 42.73 13.83 -0.05
C LEU F 81 41.64 12.78 -0.12
N GLN F 82 41.94 11.69 -0.81
CA GLN F 82 40.95 10.65 -1.07
C GLN F 82 40.70 9.73 0.11
N ARG F 83 41.75 9.23 0.73
CA ARG F 83 41.56 8.34 1.87
C ARG F 83 41.23 9.16 3.11
N ALA F 84 41.76 10.37 3.17
CA ALA F 84 41.41 11.29 4.26
C ALA F 84 39.93 11.63 4.19
N ALA F 85 39.38 11.66 2.98
CA ALA F 85 37.97 11.94 2.79
C ALA F 85 37.14 10.73 3.15
N VAL F 86 37.64 9.56 2.81
CA VAL F 86 36.90 8.34 3.09
C VAL F 86 36.84 8.09 4.58
N GLU F 87 37.99 8.25 5.24
CA GLU F 87 38.06 8.00 6.67
C GLU F 87 37.23 8.97 7.48
N MET F 88 37.31 10.25 7.12
CA MET F 88 36.52 11.30 7.77
C MET F 88 35.03 11.00 7.65
N ALA F 89 34.61 10.62 6.44
CA ALA F 89 33.22 10.27 6.17
C ALA F 89 32.76 9.06 6.97
N LYS F 90 33.71 8.19 7.34
CA LYS F 90 33.40 7.09 8.24
C LYS F 90 33.23 7.63 9.66
N GLN F 91 34.14 8.49 10.06
CA GLN F 91 34.08 9.07 11.38
C GLN F 91 32.82 9.91 11.50
N TRP F 92 32.60 10.76 10.50
CA TRP F 92 31.43 11.64 10.43
C TRP F 92 30.15 10.83 10.52
N ARG F 93 30.01 9.83 9.65
CA ARG F 93 28.83 8.97 9.63
C ARG F 93 28.70 8.24 10.97
N GLY F 94 29.83 8.00 11.62
CA GLY F 94 29.87 7.31 12.89
C GLY F 94 29.37 8.14 14.07
N ASP F 95 29.73 9.42 14.08
CA ASP F 95 29.36 10.31 15.17
C ASP F 95 27.84 10.44 15.32
N LYS F 96 27.31 10.16 16.51
CA LYS F 96 25.87 10.21 16.72
C LYS F 96 25.35 11.64 16.57
N MET F 97 26.16 12.61 16.98
CA MET F 97 25.78 14.02 16.95
C MET F 97 25.88 14.60 15.55
N LEU F 98 27.01 14.34 14.90
CA LEU F 98 27.34 15.01 13.66
C LEU F 98 26.64 14.41 12.45
N ARG F 99 26.40 13.10 12.50
CA ARG F 99 25.79 12.35 11.40
C ARG F 99 24.53 13.02 10.90
N GLN F 100 23.91 13.76 11.81
CA GLN F 100 22.61 14.35 11.58
C GLN F 100 22.67 15.58 10.66
N LEU F 101 23.87 16.08 10.40
CA LEU F 101 24.03 17.32 9.64
C LEU F 101 23.66 17.20 8.18
N GLU F 102 22.72 18.02 7.74
CA GLU F 102 22.31 18.02 6.35
C GLU F 102 23.28 18.81 5.50
N ALA F 103 24.04 19.71 6.14
CA ALA F 103 25.00 20.53 5.43
C ALA F 103 26.21 19.69 5.03
N MET F 104 26.85 20.07 3.94
CA MET F 104 27.91 19.24 3.44
C MET F 104 29.23 19.96 3.34
N LEU F 105 30.28 19.17 3.16
CA LEU F 105 31.63 19.69 3.17
C LEU F 105 32.29 19.52 1.81
N ILE F 106 32.95 20.58 1.33
CA ILE F 106 33.77 20.49 0.13
C ILE F 106 35.23 20.58 0.51
N VAL F 107 36.03 19.64 0.03
CA VAL F 107 37.46 19.72 0.20
C VAL F 107 38.16 19.56 -1.14
N MET F 108 39.24 20.30 -1.32
CA MET F 108 39.93 20.27 -2.60
C MET F 108 41.41 20.59 -2.49
N ASP F 109 42.23 19.90 -3.29
CA ASP F 109 43.62 20.29 -3.49
C ASP F 109 43.90 20.45 -4.99
N LYS F 110 45.17 20.65 -5.33
CA LYS F 110 45.57 20.92 -6.71
C LYS F 110 45.09 19.88 -7.75
N THR F 111 45.07 18.61 -7.36
CA THR F 111 44.70 17.54 -8.27
C THR F 111 43.18 17.30 -8.41
N THR F 112 42.47 17.33 -7.29
CA THR F 112 41.06 16.92 -7.25
C THR F 112 40.19 17.71 -6.26
N MET F 113 38.87 17.52 -6.37
CA MET F 113 37.94 18.10 -5.42
C MET F 113 36.88 17.10 -4.98
N LEU F 114 36.50 17.16 -3.71
CA LEU F 114 35.61 16.17 -3.14
C LEU F 114 34.55 16.79 -2.26
N LEU F 115 33.41 16.10 -2.19
CA LEU F 115 32.29 16.52 -1.37
C LEU F 115 31.97 15.39 -0.38
N VAL F 116 31.68 15.75 0.87
CA VAL F 116 31.46 14.75 1.92
C VAL F 116 30.24 15.09 2.78
N SER F 117 29.55 14.06 3.25
CA SER F 117 28.33 14.24 4.02
C SER F 117 28.32 13.34 5.24
N GLY F 118 27.41 13.63 6.16
CA GLY F 118 27.27 12.87 7.39
C GLY F 118 26.66 11.50 7.20
N THR F 119 26.23 11.23 5.97
CA THR F 119 25.69 9.92 5.63
C THR F 119 26.81 9.01 5.17
N GLY F 120 28.00 9.57 5.06
CA GLY F 120 29.17 8.80 4.68
C GLY F 120 29.48 8.82 3.20
N GLU F 121 28.75 9.62 2.44
CA GLU F 121 28.98 9.73 1.01
C GLU F 121 30.22 10.55 0.71
N VAL F 122 30.93 10.18 -0.36
CA VAL F 122 32.09 10.95 -0.83
C VAL F 122 31.99 11.10 -2.34
N ILE F 123 31.97 12.34 -2.81
CA ILE F 123 31.64 12.65 -4.20
C ILE F 123 32.76 13.34 -4.95
N GLU F 124 33.13 12.78 -6.11
CA GLU F 124 34.01 13.50 -7.01
C GLU F 124 33.34 13.83 -8.34
N PRO F 125 33.15 15.12 -8.59
CA PRO F 125 32.58 15.61 -9.84
C PRO F 125 33.57 15.37 -10.96
N ASP F 126 33.08 15.02 -12.14
CA ASP F 126 33.96 14.72 -13.25
C ASP F 126 34.43 15.99 -13.95
N ASP F 127 33.65 17.05 -13.83
CA ASP F 127 33.95 18.31 -14.48
C ASP F 127 34.66 19.28 -13.55
N GLY F 128 35.00 18.78 -12.35
CA GLY F 128 35.80 19.55 -11.41
C GLY F 128 35.12 20.84 -10.98
N ILE F 129 33.81 20.77 -10.83
CA ILE F 129 33.08 21.89 -10.26
C ILE F 129 32.16 21.34 -9.20
N LEU F 130 32.17 21.99 -8.04
CA LEU F 130 31.29 21.64 -6.94
C LEU F 130 30.60 22.88 -6.41
N ALA F 131 29.41 22.68 -5.83
CA ALA F 131 28.69 23.76 -5.14
C ALA F 131 27.82 23.22 -4.00
N ILE F 132 27.75 23.97 -2.91
CA ILE F 132 26.93 23.61 -1.77
C ILE F 132 26.21 24.82 -1.17
N GLY F 133 25.29 24.55 -0.26
CA GLY F 133 24.60 25.62 0.41
C GLY F 133 23.40 26.10 -0.36
N SER F 134 22.90 27.27 0.03
CA SER F 134 21.58 27.76 -0.40
C SER F 134 21.40 27.98 -1.90
N GLY F 135 22.38 28.58 -2.56
CA GLY F 135 22.33 28.69 -4.01
C GLY F 135 23.09 27.58 -4.71
N GLY F 136 23.32 26.49 -4.00
CA GLY F 136 24.19 25.41 -4.48
C GLY F 136 23.90 25.01 -5.91
N ASN F 137 22.62 24.81 -6.20
CA ASN F 137 22.20 24.46 -7.55
C ASN F 137 22.59 25.56 -8.54
N TYR F 138 22.19 26.79 -8.25
CA TYR F 138 22.33 27.92 -9.16
C TYR F 138 23.78 28.27 -9.47
N ALA F 139 24.66 27.99 -8.51
CA ALA F 139 26.07 28.33 -8.65
C ALA F 139 26.78 27.32 -9.52
N LEU F 140 26.37 26.06 -9.38
CA LEU F 140 26.94 24.98 -10.14
C LEU F 140 26.68 25.16 -11.63
N SER F 141 25.42 25.42 -11.97
CA SER F 141 24.99 25.56 -13.36
C SER F 141 25.82 26.61 -14.05
N ALA F 142 25.77 27.82 -13.50
CA ALA F 142 26.51 28.96 -14.01
C ALA F 142 27.99 28.64 -14.21
N GLY F 143 28.62 28.05 -13.18
CA GLY F 143 30.01 27.68 -13.24
C GLY F 143 30.27 26.68 -14.33
N ARG F 144 29.49 25.61 -14.32
CA ARG F 144 29.60 24.61 -15.37
C ARG F 144 29.28 25.21 -16.73
N ALA F 145 28.37 26.18 -16.74
CA ALA F 145 28.06 26.89 -17.97
C ALA F 145 29.30 27.61 -18.46
N LEU F 146 29.88 28.42 -17.59
CA LEU F 146 31.03 29.23 -17.94
C LEU F 146 32.24 28.39 -18.26
N LYS F 147 32.59 27.47 -17.37
CA LYS F 147 33.76 26.64 -17.60
C LYS F 147 33.70 26.00 -18.96
N GLN F 148 32.57 25.37 -19.28
CA GLN F 148 32.43 24.68 -20.54
C GLN F 148 32.54 25.61 -21.74
N TYR F 149 31.62 26.57 -21.84
CA TYR F 149 31.53 27.42 -23.03
C TYR F 149 32.48 28.65 -23.09
N ALA F 150 32.76 29.25 -21.94
CA ALA F 150 33.61 30.44 -21.87
C ALA F 150 35.08 30.13 -21.60
N SER F 151 35.44 28.85 -21.66
CA SER F 151 36.71 28.34 -21.17
C SER F 151 37.94 29.17 -21.51
N GLU F 152 37.95 29.72 -22.72
CA GLU F 152 39.12 30.44 -23.22
C GLU F 152 39.33 31.77 -22.51
N HIS F 153 38.22 32.43 -22.17
CA HIS F 153 38.27 33.80 -21.71
C HIS F 153 38.31 33.94 -20.18
N LEU F 154 38.13 32.83 -19.47
CA LEU F 154 37.94 32.89 -18.02
C LEU F 154 38.94 32.08 -17.22
N THR F 155 39.20 32.53 -16.00
CA THR F 155 40.04 31.78 -15.09
C THR F 155 39.20 31.17 -13.98
N ALA F 156 39.87 30.47 -13.08
CA ALA F 156 39.20 29.82 -11.96
C ALA F 156 38.60 30.83 -10.99
N LYS F 157 39.43 31.73 -10.48
CA LYS F 157 38.96 32.83 -9.65
C LYS F 157 37.81 33.52 -10.35
N GLN F 158 38.04 33.84 -11.61
CA GLN F 158 37.04 34.51 -12.42
C GLN F 158 35.72 33.73 -12.44
N ILE F 159 35.77 32.46 -12.82
CA ILE F 159 34.55 31.65 -12.81
C ILE F 159 33.97 31.50 -11.40
N ALA F 160 34.86 31.35 -10.41
CA ALA F 160 34.41 31.21 -9.03
C ALA F 160 33.66 32.46 -8.58
N LYS F 161 34.31 33.62 -8.72
CA LYS F 161 33.69 34.89 -8.38
C LYS F 161 32.37 35.03 -9.12
N ALA F 162 32.41 34.80 -10.43
CA ALA F 162 31.23 34.95 -11.26
C ALA F 162 30.07 34.06 -10.81
N SER F 163 30.36 32.80 -10.53
CA SER F 163 29.31 31.83 -10.21
C SER F 163 28.50 32.28 -9.02
N LEU F 164 29.18 32.65 -7.93
CA LEU F 164 28.47 33.11 -6.76
C LEU F 164 27.77 34.43 -7.03
N GLU F 165 28.39 35.25 -7.87
CA GLU F 165 27.78 36.50 -8.29
C GLU F 165 26.42 36.22 -8.92
N ILE F 166 26.38 35.28 -9.85
CA ILE F 166 25.11 34.86 -10.47
C ILE F 166 24.14 34.27 -9.43
N ALA F 167 24.65 33.37 -8.60
CA ALA F 167 23.83 32.77 -7.56
C ALA F 167 23.24 33.85 -6.68
N GLY F 168 24.08 34.79 -6.27
CA GLY F 168 23.65 35.90 -5.44
C GLY F 168 22.67 36.82 -6.13
N ASP F 169 22.69 36.81 -7.47
CA ASP F 169 21.77 37.63 -8.26
C ASP F 169 20.39 37.00 -8.37
N ILE F 170 20.35 35.67 -8.30
CA ILE F 170 19.10 34.93 -8.42
C ILE F 170 18.64 34.45 -7.06
N CYS F 171 19.46 33.64 -6.41
CA CYS F 171 19.09 33.09 -5.12
C CYS F 171 18.89 34.22 -4.11
N VAL F 172 17.69 34.18 -3.54
CA VAL F 172 17.24 35.13 -2.55
C VAL F 172 18.15 35.06 -1.32
N TYR F 173 18.68 33.86 -1.08
CA TYR F 173 19.45 33.55 0.13
C TYR F 173 20.97 33.69 -0.02
N THR F 174 21.42 34.22 -1.16
CA THR F 174 22.84 34.45 -1.41
C THR F 174 23.07 35.94 -1.68
N ASN F 175 24.00 36.55 -0.95
CA ASN F 175 24.30 37.96 -1.19
C ASN F 175 25.50 38.14 -2.10
N HIS F 176 25.94 39.38 -2.21
CA HIS F 176 27.09 39.70 -3.04
C HIS F 176 28.40 39.88 -2.29
N ASN F 177 28.42 39.68 -0.97
CA ASN F 177 29.68 39.84 -0.28
C ASN F 177 30.39 38.51 -0.28
N ILE F 178 31.42 38.44 -1.12
CA ILE F 178 31.97 37.17 -1.59
C ILE F 178 33.47 37.15 -1.44
N ILE F 179 33.97 36.08 -0.84
CA ILE F 179 35.39 35.90 -0.65
C ILE F 179 35.86 34.74 -1.54
N VAL F 180 36.91 34.96 -2.31
CA VAL F 180 37.44 33.88 -3.13
C VAL F 180 38.83 33.47 -2.67
N GLU F 181 39.14 32.18 -2.80
CA GLU F 181 40.45 31.69 -2.42
C GLU F 181 41.05 30.86 -3.54
N GLU F 182 42.35 30.65 -3.47
CA GLU F 182 43.08 29.92 -4.50
C GLU F 182 44.08 28.96 -3.90
N LEU F 183 44.88 28.32 -4.75
CA LEU F 183 45.90 27.38 -4.30
C LEU F 183 47.25 27.64 -4.97
#